data_4XPA
#
_entry.id   4XPA
#
_cell.length_a   96.339
_cell.length_b   140.125
_cell.length_c   165.018
_cell.angle_alpha   90.00
_cell.angle_beta   90.00
_cell.angle_gamma   90.00
#
_symmetry.space_group_name_H-M   'P 21 21 21'
#
loop_
_entity.id
_entity.type
_entity.pdbx_description
1 polymer Transporter
2 polymer 'Antibody fragment heavy chain-protein, 9D5-heavy chain'
3 polymer 'Antibody fragment light chain-protein, 9D5-light chain'
4 branched alpha-D-glucopyranose-(1-4)-beta-D-glucopyranose
5 non-polymer CHOLESTEROL
6 non-polymer 2-(3,4-dichlorophenyl)ethanamine
7 non-polymer 'CHLORIDE ION'
8 non-polymer 'SODIUM ION'
9 water water
#
loop_
_entity_poly.entity_id
_entity_poly.type
_entity_poly.pdbx_seq_one_letter_code
_entity_poly.pdbx_strand_id
1 'polypeptide(L)'
;MNSISDERETWSGKVDFLLSVIGFAVDLANVWRFPYLCYKNGGGAFLVPYGIMLAVGGIPLFYMELALGQHNRKGAITCW
GRLVPLFKGIGYAVVLIAFYVDFYYNVIIAWSLRFFFASFTNSLPWTSCNNIWNTPNCRPFEGHVEGFQSAASEYFNRYI
LELNRSEGIHDLGAIKWDMALCLLIVYLICYFSLWKGISTSGKVVWFTALFPYAVLLILLIRGLTLPGSFLGIQYYLTPN
FSAIYKAEVWVDAATQVFFSLGPGFGVLLAYASYNKYHNNVYKDALLTSFINSATSFIAGFVIFSVLGYMAHTLGVRIED
VATEGPGLVFVVYPAAIATMPASTFWALIFFMMLATLGLDSSFGGSEAIITALSDEFPKIKRNRELFVAGLFSLYFVVGL
ASCTQGGFYFFHLLDRYAAGYSILVAVFFEAIAVSWIYGTNRFSEDIRDMIGFPPGRYWQVCWRFVAPIFLLFITVYGLI
GYEPLTYADYVYPSWANALGWCIAGSSVVMIPAVAIFKLLSTPGSLRQRFTILTTPWRDQQLVPR
;
A
2 'polypeptide(L)'
;MDFQVQIFSFLLISASVAMSRGENVLTQSPAIMSTSPGEKVTMTCRASSSVGSSYLHWYQQKSGASPKLWIYSTSNLASG
VPARFSGSGSGTSYSLTISSVEAEDAATYYCQQFSGYPLTFGSGTKLEMKRADAAPTVSIFPPSSEQLTSGGASVVCFLN
NFYPKDINVKWKIDGSERQNGVLNSWTDQDSKDSTYSMSSTLTLTKDEYERHNSYTCEATHKTSTSPIVKSFNRNEC
;
L
3 'polypeptide(L)'
;MNFGLRLVFLVLILKGVQCEVQLVESGGGLVKPGGSLKLSCAASGFTFSSYAMSWVRQSPEKRLEWVAEISSGGRYIYYS
DTVTGRFTISRDNARNILHLEMSSLRSEDTAMYYCARGEVRQRGFDYWGQGTTLTVSSAKTTAPSVYPLAPVCGDTTGSS
VTLGCLVKGYFPEPVTLTWNSGSLSSGVHTFPAVLQSDLYTLSSSVTVTSSTWPSQSITCNVAHPASSTKVDKKIEPRGP
;
H
#
# COMPACT_ATOMS: atom_id res chain seq x y z
N ASP A 6 -6.54 19.08 11.72
CA ASP A 6 -6.33 17.75 12.27
C ASP A 6 -7.43 16.80 11.78
N GLU A 7 -8.36 16.50 12.68
CA GLU A 7 -9.37 15.49 12.42
C GLU A 7 -10.53 16.01 11.59
N ARG A 8 -10.83 15.31 10.50
CA ARG A 8 -12.01 15.58 9.70
C ARG A 8 -12.90 14.35 9.74
N GLU A 9 -14.20 14.53 9.51
CA GLU A 9 -15.12 13.41 9.53
C GLU A 9 -14.75 12.42 8.43
N THR A 10 -15.05 11.14 8.68
CA THR A 10 -14.77 10.10 7.70
C THR A 10 -16.08 9.47 7.24
N TRP A 11 -15.99 8.54 6.30
CA TRP A 11 -17.16 7.83 5.83
C TRP A 11 -17.72 6.96 6.93
N SER A 12 -19.02 7.07 7.18
CA SER A 12 -19.71 6.28 8.19
C SER A 12 -19.45 4.79 7.98
N GLY A 13 -19.25 4.40 6.73
CA GLY A 13 -18.85 3.06 6.35
C GLY A 13 -18.06 3.15 5.05
N LYS A 14 -17.29 2.11 4.75
CA LYS A 14 -16.44 2.12 3.57
C LYS A 14 -17.25 1.99 2.29
N VAL A 15 -18.34 1.23 2.36
CA VAL A 15 -19.21 1.05 1.21
C VAL A 15 -19.79 2.40 0.77
N ASP A 16 -20.02 3.28 1.73
CA ASP A 16 -20.52 4.62 1.44
C ASP A 16 -19.61 5.35 0.46
N PHE A 17 -18.30 5.22 0.66
CA PHE A 17 -17.33 5.84 -0.23
C PHE A 17 -17.37 5.23 -1.61
N LEU A 18 -17.27 3.90 -1.68
CA LEU A 18 -17.29 3.20 -2.95
C LEU A 18 -18.54 3.55 -3.75
N LEU A 19 -19.70 3.45 -3.11
CA LEU A 19 -20.95 3.78 -3.77
C LEU A 19 -21.01 5.25 -4.19
N SER A 20 -20.38 6.12 -3.41
CA SER A 20 -20.30 7.53 -3.81
C SER A 20 -19.48 7.67 -5.08
N VAL A 21 -18.36 6.95 -5.15
CA VAL A 21 -17.48 7.03 -6.30
C VAL A 21 -18.03 6.29 -7.51
N ILE A 22 -18.56 5.08 -7.27
CA ILE A 22 -19.27 4.35 -8.33
C ILE A 22 -20.40 5.22 -8.85
N GLY A 23 -21.16 5.80 -7.91
CA GLY A 23 -22.29 6.63 -8.23
C GLY A 23 -21.90 7.83 -9.08
N PHE A 24 -20.90 8.57 -8.62
CA PHE A 24 -20.41 9.71 -9.38
C PHE A 24 -19.91 9.31 -10.75
N ALA A 25 -19.09 8.26 -10.80
CA ALA A 25 -18.51 7.81 -12.06
C ALA A 25 -19.60 7.34 -13.01
N VAL A 26 -20.48 6.46 -12.53
CA VAL A 26 -21.55 5.94 -13.36
C VAL A 26 -22.64 6.99 -13.52
N ASP A 27 -22.93 7.32 -14.78
CA ASP A 27 -23.76 8.45 -15.12
C ASP A 27 -24.51 8.16 -16.42
N LEU A 28 -25.13 9.18 -17.00
CA LEU A 28 -25.93 8.98 -18.20
C LEU A 28 -25.08 8.68 -19.43
N ALA A 29 -23.83 9.12 -19.42
CA ALA A 29 -22.92 8.86 -20.54
C ALA A 29 -22.49 7.39 -20.60
N ASN A 30 -22.56 6.69 -19.46
CA ASN A 30 -22.32 5.25 -19.45
C ASN A 30 -23.44 4.56 -20.22
N VAL A 31 -24.53 5.30 -20.42
CA VAL A 31 -25.70 4.80 -21.14
C VAL A 31 -25.80 5.39 -22.54
N TRP A 32 -25.92 6.70 -22.64
CA TRP A 32 -26.20 7.31 -23.93
C TRP A 32 -24.96 7.69 -24.74
N ARG A 33 -23.77 7.37 -24.25
CA ARG A 33 -22.55 7.69 -24.99
C ARG A 33 -21.72 6.46 -25.36
N PHE A 34 -21.26 5.73 -24.35
CA PHE A 34 -20.41 4.55 -24.59
C PHE A 34 -21.01 3.58 -25.63
N PRO A 35 -22.26 3.10 -25.42
CA PRO A 35 -22.79 2.15 -26.42
C PRO A 35 -22.89 2.73 -27.83
N TYR A 36 -23.17 4.03 -27.95
CA TYR A 36 -23.18 4.68 -29.25
C TYR A 36 -21.79 4.63 -29.89
N LEU A 37 -20.78 4.92 -29.08
CA LEU A 37 -19.40 4.95 -29.56
C LEU A 37 -18.98 3.61 -30.12
N CYS A 38 -19.36 2.53 -29.44
CA CYS A 38 -19.06 1.18 -29.91
C CYS A 38 -19.66 0.95 -31.29
N TYR A 39 -20.95 1.21 -31.41
CA TYR A 39 -21.66 1.05 -32.68
C TYR A 39 -21.05 1.89 -33.80
N LYS A 40 -20.64 3.10 -33.45
CA LYS A 40 -20.06 4.05 -34.40
C LYS A 40 -18.62 3.70 -34.78
N ASN A 41 -17.85 3.31 -33.78
CA ASN A 41 -16.40 3.09 -33.91
C ASN A 41 -15.99 1.65 -34.21
N GLY A 42 -16.97 0.78 -34.48
CA GLY A 42 -16.61 -0.58 -34.85
C GLY A 42 -16.82 -1.68 -33.83
N GLY A 43 -17.60 -1.41 -32.79
CA GLY A 43 -18.04 -2.46 -31.91
C GLY A 43 -16.96 -2.91 -30.96
N GLY A 44 -16.86 -4.22 -30.72
CA GLY A 44 -15.90 -4.76 -29.79
C GLY A 44 -14.47 -4.37 -30.15
N ALA A 45 -14.28 -3.91 -31.38
CA ALA A 45 -13.00 -3.39 -31.83
C ALA A 45 -12.71 -2.04 -31.18
N PHE A 46 -13.77 -1.31 -30.86
CA PHE A 46 -13.63 -0.02 -30.19
C PHE A 46 -13.15 -0.20 -28.76
N LEU A 47 -13.33 -1.39 -28.22
CA LEU A 47 -12.91 -1.68 -26.87
C LEU A 47 -11.39 -1.61 -26.75
N VAL A 48 -10.69 -1.85 -27.86
CA VAL A 48 -9.23 -1.83 -27.86
C VAL A 48 -8.68 -0.42 -27.62
N PRO A 49 -9.10 0.59 -28.42
CA PRO A 49 -8.61 1.93 -28.04
C PRO A 49 -9.21 2.37 -26.71
N TYR A 50 -10.46 1.99 -26.47
CA TYR A 50 -11.14 2.28 -25.21
C TYR A 50 -10.36 1.70 -24.04
N GLY A 51 -10.12 0.39 -24.10
CA GLY A 51 -9.37 -0.30 -23.06
C GLY A 51 -7.99 0.28 -22.87
N ILE A 52 -7.30 0.54 -23.97
CA ILE A 52 -5.96 1.13 -23.91
C ILE A 52 -6.01 2.47 -23.21
N MET A 53 -6.82 3.39 -23.73
CA MET A 53 -6.98 4.71 -23.13
CA MET A 53 -6.97 4.71 -23.13
C MET A 53 -7.44 4.60 -21.68
N LEU A 54 -8.26 3.61 -21.41
CA LEU A 54 -8.73 3.36 -20.06
C LEU A 54 -7.55 2.89 -19.21
N ALA A 55 -6.80 1.94 -19.75
CA ALA A 55 -5.67 1.37 -19.03
C ALA A 55 -4.55 2.38 -18.81
N VAL A 56 -4.03 2.95 -19.89
CA VAL A 56 -2.91 3.88 -19.75
C VAL A 56 -3.31 5.31 -19.36
N GLY A 57 -4.28 5.92 -20.04
CA GLY A 57 -4.74 7.23 -19.65
C GLY A 57 -5.70 7.38 -18.48
N GLY A 58 -6.80 6.64 -18.54
CA GLY A 58 -7.94 6.91 -17.67
C GLY A 58 -7.87 6.46 -16.23
N ILE A 59 -7.52 5.18 -16.05
CA ILE A 59 -7.42 4.61 -14.72
C ILE A 59 -6.24 5.19 -13.91
N PRO A 60 -5.06 5.37 -14.53
CA PRO A 60 -4.00 6.00 -13.75
C PRO A 60 -4.37 7.37 -13.22
N LEU A 61 -5.05 8.16 -14.02
CA LEU A 61 -5.46 9.50 -13.58
C LEU A 61 -6.64 9.40 -12.63
N PHE A 62 -7.45 8.35 -12.79
CA PHE A 62 -8.51 8.06 -11.84
C PHE A 62 -7.91 7.64 -10.51
N TYR A 63 -6.91 6.77 -10.59
CA TYR A 63 -6.14 6.30 -9.43
C TYR A 63 -5.42 7.46 -8.76
N MET A 64 -4.78 8.30 -9.58
CA MET A 64 -4.02 9.44 -9.06
C MET A 64 -4.88 10.38 -8.22
N GLU A 65 -6.05 10.74 -8.73
CA GLU A 65 -6.95 11.63 -8.01
C GLU A 65 -7.35 11.06 -6.65
N LEU A 66 -7.83 9.81 -6.67
CA LEU A 66 -8.27 9.15 -5.44
C LEU A 66 -7.18 9.08 -4.40
N ALA A 67 -5.96 8.80 -4.86
CA ALA A 67 -4.80 8.73 -3.96
C ALA A 67 -4.54 10.09 -3.33
N LEU A 68 -4.53 11.13 -4.16
CA LEU A 68 -4.27 12.49 -3.70
C LEU A 68 -5.28 12.99 -2.68
N GLY A 69 -6.55 12.67 -2.90
CA GLY A 69 -7.60 13.09 -2.01
C GLY A 69 -7.38 12.51 -0.62
N GLN A 70 -7.25 11.19 -0.56
CA GLN A 70 -7.05 10.47 0.68
C GLN A 70 -5.80 10.89 1.43
N HIS A 71 -4.73 11.14 0.69
CA HIS A 71 -3.43 11.43 1.29
C HIS A 71 -3.34 12.83 1.89
N ASN A 72 -3.79 13.83 1.14
CA ASN A 72 -3.67 15.20 1.58
C ASN A 72 -4.88 15.64 2.40
N ARG A 73 -5.90 14.79 2.44
CA ARG A 73 -7.04 14.96 3.34
C ARG A 73 -7.72 16.32 3.18
N LYS A 74 -7.71 16.87 1.96
CA LYS A 74 -8.32 18.17 1.72
C LYS A 74 -9.11 18.22 0.41
N GLY A 75 -9.96 19.24 0.30
CA GLY A 75 -10.75 19.45 -0.91
C GLY A 75 -9.87 19.84 -2.08
N ALA A 76 -10.47 20.02 -3.25
CA ALA A 76 -9.73 20.23 -4.48
C ALA A 76 -8.78 21.44 -4.42
N ILE A 77 -9.28 22.56 -3.89
CA ILE A 77 -8.49 23.78 -3.85
C ILE A 77 -7.33 23.67 -2.86
N THR A 78 -7.65 23.30 -1.62
CA THR A 78 -6.67 23.23 -0.55
C THR A 78 -5.60 22.18 -0.83
N CYS A 79 -5.98 21.10 -1.49
CA CYS A 79 -5.06 20.01 -1.79
C CYS A 79 -3.90 20.46 -2.68
N TRP A 80 -4.23 21.18 -3.74
CA TRP A 80 -3.22 21.64 -4.68
C TRP A 80 -2.42 22.80 -4.13
N GLY A 81 -3.00 23.52 -3.18
CA GLY A 81 -2.29 24.57 -2.48
C GLY A 81 -1.20 23.97 -1.62
N ARG A 82 -1.53 22.86 -0.97
CA ARG A 82 -0.59 22.15 -0.10
C ARG A 82 0.34 21.24 -0.88
N LEU A 83 0.02 21.03 -2.15
CA LEU A 83 0.82 20.15 -3.00
C LEU A 83 1.84 20.95 -3.80
N VAL A 84 1.33 21.79 -4.69
CA VAL A 84 2.17 22.72 -5.45
C VAL A 84 1.54 24.11 -5.42
N PRO A 85 1.90 24.91 -4.40
CA PRO A 85 1.33 26.24 -4.14
C PRO A 85 1.25 27.14 -5.38
N LEU A 86 2.20 26.99 -6.29
CA LEU A 86 2.19 27.72 -7.55
C LEU A 86 0.98 27.32 -8.39
N PHE A 87 0.69 26.02 -8.38
CA PHE A 87 -0.35 25.43 -9.21
C PHE A 87 -1.69 25.32 -8.50
N LYS A 88 -1.81 25.95 -7.33
CA LYS A 88 -3.06 25.99 -6.59
C LYS A 88 -4.23 26.44 -7.46
N GLY A 89 -3.95 27.23 -8.50
CA GLY A 89 -4.94 27.63 -9.48
C GLY A 89 -5.71 26.46 -10.08
N ILE A 90 -5.05 25.32 -10.23
CA ILE A 90 -5.69 24.09 -10.69
C ILE A 90 -6.91 23.75 -9.85
N GLY A 91 -6.77 23.86 -8.54
CA GLY A 91 -7.85 23.59 -7.63
C GLY A 91 -9.03 24.52 -7.85
N TYR A 92 -8.75 25.74 -8.29
CA TYR A 92 -9.81 26.68 -8.64
C TYR A 92 -10.44 26.29 -9.96
N ALA A 93 -9.61 26.02 -10.96
CA ALA A 93 -10.07 25.58 -12.28
C ALA A 93 -10.97 24.37 -12.15
N VAL A 94 -10.47 23.38 -11.44
CA VAL A 94 -11.16 22.12 -11.21
C VAL A 94 -12.53 22.30 -10.55
N VAL A 95 -12.59 23.13 -9.52
CA VAL A 95 -13.84 23.37 -8.81
C VAL A 95 -14.82 24.18 -9.66
N LEU A 96 -14.29 25.20 -10.32
CA LEU A 96 -15.10 26.09 -11.14
C LEU A 96 -15.69 25.34 -12.32
N ILE A 97 -14.93 24.39 -12.85
CA ILE A 97 -15.43 23.49 -13.88
C ILE A 97 -16.61 22.70 -13.33
N ALA A 98 -16.43 22.12 -12.16
CA ALA A 98 -17.47 21.36 -11.48
C ALA A 98 -18.67 22.24 -11.16
N PHE A 99 -18.41 23.53 -10.99
CA PHE A 99 -19.46 24.50 -10.73
C PHE A 99 -20.31 24.71 -11.98
N TYR A 100 -19.65 24.76 -13.12
CA TYR A 100 -20.33 24.95 -14.40
C TYR A 100 -21.16 23.73 -14.78
N VAL A 101 -20.61 22.54 -14.54
CA VAL A 101 -21.29 21.31 -14.93
C VAL A 101 -22.58 21.12 -14.15
N ASP A 102 -22.60 21.56 -12.89
CA ASP A 102 -23.81 21.44 -12.08
C ASP A 102 -24.96 22.31 -12.62
N PHE A 103 -24.64 23.47 -13.18
CA PHE A 103 -25.62 24.26 -13.92
C PHE A 103 -26.26 23.39 -14.99
N TYR A 104 -25.38 22.77 -15.77
CA TYR A 104 -25.74 22.03 -16.97
C TYR A 104 -26.32 20.63 -16.69
N TYR A 105 -25.70 19.88 -15.79
CA TYR A 105 -26.03 18.46 -15.66
C TYR A 105 -27.36 18.18 -14.98
N ASN A 106 -27.75 19.02 -14.03
CA ASN A 106 -28.91 18.73 -13.22
C ASN A 106 -30.24 18.81 -13.97
N VAL A 107 -30.27 19.60 -15.04
CA VAL A 107 -31.50 19.74 -15.80
C VAL A 107 -31.85 18.43 -16.50
N ILE A 108 -30.85 17.57 -16.70
CA ILE A 108 -31.06 16.26 -17.30
C ILE A 108 -31.89 15.39 -16.35
N ILE A 109 -31.56 15.49 -15.06
CA ILE A 109 -32.30 14.79 -14.03
C ILE A 109 -33.73 15.30 -14.00
N ALA A 110 -33.89 16.61 -14.18
CA ALA A 110 -35.19 17.26 -14.19
C ALA A 110 -36.05 16.73 -15.33
N TRP A 111 -35.43 16.58 -16.50
CA TRP A 111 -36.08 15.98 -17.66
C TRP A 111 -36.55 14.56 -17.32
N SER A 112 -35.67 13.80 -16.66
CA SER A 112 -35.98 12.44 -16.25
C SER A 112 -37.17 12.40 -15.30
N LEU A 113 -37.24 13.36 -14.39
CA LEU A 113 -38.35 13.43 -13.44
C LEU A 113 -39.63 13.88 -14.12
N ARG A 114 -39.48 14.75 -15.12
CA ARG A 114 -40.62 15.22 -15.89
C ARG A 114 -41.25 14.05 -16.66
N PHE A 115 -40.40 13.31 -17.36
CA PHE A 115 -40.84 12.11 -18.07
C PHE A 115 -41.44 11.10 -17.10
N PHE A 116 -40.86 11.05 -15.89
CA PHE A 116 -41.34 10.15 -14.85
C PHE A 116 -42.76 10.55 -14.43
N PHE A 117 -42.96 11.83 -14.14
CA PHE A 117 -44.27 12.32 -13.73
C PHE A 117 -45.25 12.24 -14.89
N ALA A 118 -44.72 12.20 -16.10
CA ALA A 118 -45.55 12.10 -17.29
C ALA A 118 -45.80 10.65 -17.63
N SER A 119 -45.18 9.75 -16.87
CA SER A 119 -45.32 8.32 -17.10
C SER A 119 -46.43 7.69 -16.26
N PHE A 120 -47.13 8.48 -15.47
CA PHE A 120 -48.25 7.90 -14.75
C PHE A 120 -49.46 8.08 -15.63
N THR A 121 -49.89 6.98 -16.23
CA THR A 121 -50.97 6.95 -17.22
C THR A 121 -51.11 5.56 -17.79
N ASN A 122 -52.25 5.29 -18.42
CA ASN A 122 -52.46 4.02 -19.11
C ASN A 122 -51.74 4.02 -20.44
N SER A 123 -51.82 5.14 -21.16
CA SER A 123 -51.20 5.27 -22.47
C SER A 123 -50.19 6.41 -22.50
N LEU A 124 -48.94 6.07 -22.81
CA LEU A 124 -47.84 7.02 -22.84
C LEU A 124 -48.05 8.07 -23.94
N PRO A 125 -47.87 9.35 -23.61
CA PRO A 125 -48.22 10.47 -24.50
C PRO A 125 -47.40 10.53 -25.78
N TRP A 126 -46.23 9.90 -25.81
CA TRP A 126 -45.33 10.03 -26.96
C TRP A 126 -45.51 8.93 -28.01
N THR A 127 -46.51 8.08 -27.85
CA THR A 127 -46.76 7.02 -28.82
C THR A 127 -47.26 7.53 -30.18
N SER A 128 -48.32 8.34 -30.17
CA SER A 128 -48.93 8.70 -31.44
C SER A 128 -48.63 10.11 -31.94
N CYS A 129 -49.08 10.38 -33.16
CA CYS A 129 -48.91 11.68 -33.81
C CYS A 129 -50.13 12.60 -33.77
N ASN A 130 -51.20 12.18 -33.13
CA ASN A 130 -52.47 12.93 -33.19
C ASN A 130 -52.68 13.94 -32.06
N ASN A 131 -51.67 14.15 -31.22
CA ASN A 131 -51.74 15.14 -30.16
C ASN A 131 -51.56 16.60 -30.63
N ILE A 132 -52.01 17.55 -29.80
CA ILE A 132 -51.96 18.98 -30.15
C ILE A 132 -50.56 19.48 -30.48
N TRP A 133 -49.55 18.94 -29.80
CA TRP A 133 -48.18 19.43 -29.95
C TRP A 133 -47.53 18.90 -31.22
N ASN A 134 -48.23 18.00 -31.90
CA ASN A 134 -47.73 17.38 -33.11
C ASN A 134 -47.77 18.25 -34.35
N THR A 135 -46.98 17.86 -35.34
CA THR A 135 -46.91 18.52 -36.64
C THR A 135 -47.43 17.54 -37.69
N PRO A 136 -47.89 18.05 -38.84
CA PRO A 136 -48.36 17.15 -39.90
C PRO A 136 -47.27 16.18 -40.34
N ASN A 137 -46.03 16.54 -40.06
CA ASN A 137 -44.88 15.76 -40.47
C ASN A 137 -44.51 14.64 -39.51
N CYS A 138 -45.22 14.54 -38.39
CA CYS A 138 -44.94 13.52 -37.39
C CYS A 138 -45.09 12.12 -37.99
N ARG A 139 -44.09 11.29 -37.77
CA ARG A 139 -44.16 9.87 -38.12
C ARG A 139 -44.06 9.06 -36.84
N PRO A 140 -44.59 7.83 -36.83
CA PRO A 140 -44.57 7.02 -35.61
C PRO A 140 -43.18 6.78 -35.01
N PHE A 141 -42.15 6.59 -35.83
CA PHE A 141 -40.82 6.32 -35.30
C PHE A 141 -39.71 7.06 -36.03
N GLU A 142 -38.47 6.87 -35.59
CA GLU A 142 -37.34 7.67 -36.06
C GLU A 142 -37.12 7.58 -37.57
N GLY A 143 -36.45 8.58 -38.14
CA GLY A 143 -36.20 8.57 -39.56
C GLY A 143 -34.93 9.27 -40.01
N HIS A 144 -34.97 9.73 -41.26
CA HIS A 144 -33.81 10.24 -41.97
C HIS A 144 -33.94 11.74 -42.16
N VAL A 145 -34.95 12.14 -42.90
CA VAL A 145 -35.22 13.56 -43.14
C VAL A 145 -35.49 14.31 -41.84
N GLU A 146 -34.78 15.41 -41.64
CA GLU A 146 -34.90 16.15 -40.38
C GLU A 146 -36.27 16.80 -40.27
N GLY A 147 -36.85 17.12 -41.42
CA GLY A 147 -38.17 17.72 -41.47
C GLY A 147 -39.26 16.88 -40.83
N PHE A 148 -39.10 15.56 -40.85
CA PHE A 148 -40.13 14.72 -40.26
C PHE A 148 -39.62 14.00 -39.01
N GLN A 149 -40.02 14.50 -37.86
CA GLN A 149 -39.66 13.92 -36.57
C GLN A 149 -40.57 12.76 -36.18
N SER A 150 -40.05 11.89 -35.33
CA SER A 150 -40.87 10.82 -34.78
C SER A 150 -41.86 11.37 -33.76
N ALA A 151 -42.71 10.50 -33.24
CA ALA A 151 -43.71 10.93 -32.27
C ALA A 151 -43.04 11.26 -30.94
N ALA A 152 -42.00 10.52 -30.61
CA ALA A 152 -41.25 10.75 -29.38
C ALA A 152 -40.40 12.00 -29.48
N SER A 153 -39.88 12.27 -30.68
CA SER A 153 -39.08 13.47 -30.90
C SER A 153 -39.93 14.72 -30.77
N GLU A 154 -41.16 14.67 -31.27
CA GLU A 154 -42.06 15.82 -31.21
C GLU A 154 -42.61 16.02 -29.81
N TYR A 155 -42.78 14.93 -29.08
CA TYR A 155 -43.24 15.02 -27.69
C TYR A 155 -42.18 15.72 -26.84
N PHE A 156 -40.93 15.31 -27.03
CA PHE A 156 -39.82 15.86 -26.28
C PHE A 156 -39.59 17.32 -26.66
N ASN A 157 -39.52 17.60 -27.96
CA ASN A 157 -39.22 18.95 -28.41
C ASN A 157 -40.40 19.91 -28.35
N ARG A 158 -41.58 19.50 -28.81
CA ARG A 158 -42.70 20.43 -28.91
C ARG A 158 -43.63 20.47 -27.69
N TYR A 159 -43.47 19.54 -26.77
CA TYR A 159 -44.32 19.54 -25.57
C TYR A 159 -43.51 19.76 -24.31
N ILE A 160 -42.62 18.81 -24.01
CA ILE A 160 -41.78 18.88 -22.83
C ILE A 160 -40.87 20.09 -22.87
N LEU A 161 -40.08 20.21 -23.93
CA LEU A 161 -39.15 21.32 -24.08
C LEU A 161 -39.81 22.60 -24.58
N GLU A 162 -40.80 22.43 -25.47
CA GLU A 162 -41.36 23.53 -26.25
C GLU A 162 -40.22 24.26 -26.95
N LEU A 163 -39.28 23.49 -27.48
CA LEU A 163 -38.12 24.04 -28.16
C LEU A 163 -38.52 24.66 -29.49
N ASN A 164 -39.62 24.18 -30.07
CA ASN A 164 -40.14 24.72 -31.31
C ASN A 164 -40.45 26.20 -31.16
N ARG A 165 -40.89 26.58 -29.97
CA ARG A 165 -41.25 27.96 -29.67
C ARG A 165 -40.02 28.88 -29.55
N SER A 166 -38.83 28.30 -29.62
CA SER A 166 -37.59 29.09 -29.51
C SER A 166 -36.80 29.12 -30.81
N GLU A 167 -36.31 30.31 -31.16
CA GLU A 167 -35.57 30.49 -32.40
C GLU A 167 -34.07 30.42 -32.21
N GLY A 168 -33.64 30.18 -30.98
CA GLY A 168 -32.23 30.11 -30.68
C GLY A 168 -31.93 30.50 -29.25
N ILE A 169 -30.65 30.70 -28.95
CA ILE A 169 -30.25 30.99 -27.59
C ILE A 169 -30.51 32.46 -27.24
N HIS A 170 -30.79 33.28 -28.25
CA HIS A 170 -31.15 34.68 -28.00
C HIS A 170 -32.59 34.76 -27.52
N ASP A 171 -33.43 33.84 -27.96
CA ASP A 171 -34.80 33.81 -27.47
C ASP A 171 -35.03 32.56 -26.63
N LEU A 172 -35.08 32.75 -25.32
CA LEU A 172 -35.41 31.67 -24.39
C LEU A 172 -36.91 31.49 -24.26
N GLY A 173 -37.66 32.58 -24.38
CA GLY A 173 -39.10 32.53 -24.29
C GLY A 173 -39.58 32.37 -22.86
N ALA A 174 -40.81 31.90 -22.70
CA ALA A 174 -41.40 31.72 -21.38
C ALA A 174 -40.72 30.61 -20.61
N ILE A 175 -40.82 30.64 -19.29
CA ILE A 175 -40.26 29.59 -18.45
C ILE A 175 -41.30 28.49 -18.28
N LYS A 176 -40.87 27.23 -18.45
CA LYS A 176 -41.76 26.10 -18.20
C LYS A 176 -41.84 25.88 -16.70
N TRP A 177 -43.03 26.00 -16.14
CA TRP A 177 -43.16 25.91 -14.68
C TRP A 177 -43.32 24.46 -14.25
N ASP A 178 -43.58 23.58 -15.20
CA ASP A 178 -43.57 22.15 -14.92
C ASP A 178 -42.11 21.68 -14.85
N MET A 179 -41.27 22.28 -15.69
CA MET A 179 -39.86 21.93 -15.69
C MET A 179 -39.13 22.61 -14.53
N ALA A 180 -39.51 23.84 -14.23
CA ALA A 180 -38.94 24.54 -13.08
C ALA A 180 -39.27 23.78 -11.81
N LEU A 181 -40.48 23.21 -11.76
CA LEU A 181 -40.90 22.37 -10.65
C LEU A 181 -40.02 21.13 -10.56
N CYS A 182 -39.79 20.48 -11.69
CA CYS A 182 -38.95 19.29 -11.72
C CYS A 182 -37.51 19.62 -11.33
N LEU A 183 -37.01 20.76 -11.80
CA LEU A 183 -35.65 21.16 -11.47
C LEU A 183 -35.54 21.45 -9.98
N LEU A 184 -36.59 22.02 -9.42
CA LEU A 184 -36.63 22.30 -7.99
C LEU A 184 -36.56 21.00 -7.20
N ILE A 185 -37.38 20.04 -7.60
CA ILE A 185 -37.39 18.72 -6.96
C ILE A 185 -36.00 18.08 -7.01
N VAL A 186 -35.30 18.26 -8.12
CA VAL A 186 -33.93 17.76 -8.25
C VAL A 186 -33.02 18.39 -7.19
N TYR A 187 -33.05 19.71 -7.11
CA TYR A 187 -32.19 20.43 -6.16
C TYR A 187 -32.64 20.24 -4.73
N LEU A 188 -33.87 19.79 -4.54
CA LEU A 188 -34.34 19.44 -3.20
C LEU A 188 -33.68 18.14 -2.76
N ILE A 189 -33.68 17.16 -3.66
CA ILE A 189 -33.05 15.88 -3.39
C ILE A 189 -31.55 16.06 -3.19
N CYS A 190 -30.93 16.90 -4.01
CA CYS A 190 -29.50 17.16 -3.91
C CYS A 190 -29.15 17.83 -2.61
N TYR A 191 -30.03 18.71 -2.13
CA TYR A 191 -29.79 19.43 -0.89
C TYR A 191 -29.73 18.49 0.30
N PHE A 192 -30.78 17.71 0.48
CA PHE A 192 -30.92 16.88 1.68
C PHE A 192 -30.01 15.66 1.65
N SER A 193 -29.42 15.39 0.50
CA SER A 193 -28.38 14.37 0.41
C SER A 193 -27.04 14.94 0.88
N LEU A 194 -26.74 16.15 0.45
CA LEU A 194 -25.47 16.80 0.78
C LEU A 194 -25.60 17.72 1.99
N TRP A 195 -26.80 17.71 2.58
CA TRP A 195 -27.16 18.57 3.71
C TRP A 195 -26.17 18.53 4.87
N LYS A 196 -26.13 17.39 5.55
CA LYS A 196 -25.30 17.23 6.74
C LYS A 196 -23.90 16.71 6.40
N GLY A 197 -23.63 16.57 5.10
CA GLY A 197 -22.35 16.03 4.66
C GLY A 197 -22.42 14.55 4.32
N ILE A 198 -21.27 13.89 4.32
CA ILE A 198 -21.17 12.49 3.90
C ILE A 198 -21.80 11.52 4.90
N SER A 199 -22.23 12.04 6.05
CA SER A 199 -23.01 11.26 7.00
C SER A 199 -24.27 10.72 6.33
N THR A 200 -25.07 11.65 5.80
CA THR A 200 -26.25 11.30 5.02
C THR A 200 -25.89 10.96 3.57
N SER A 201 -25.00 11.76 2.99
CA SER A 201 -24.62 11.61 1.58
C SER A 201 -24.18 10.20 1.24
N GLY A 202 -23.24 9.69 2.02
CA GLY A 202 -22.74 8.34 1.82
C GLY A 202 -23.81 7.27 1.97
N LYS A 203 -24.85 7.56 2.75
CA LYS A 203 -25.98 6.64 2.86
C LYS A 203 -26.95 6.79 1.69
N VAL A 204 -27.13 8.01 1.20
CA VAL A 204 -28.06 8.27 0.10
C VAL A 204 -27.59 7.58 -1.19
N VAL A 205 -26.28 7.59 -1.42
CA VAL A 205 -25.75 7.01 -2.65
C VAL A 205 -25.96 5.49 -2.68
N TRP A 206 -26.38 4.92 -1.56
CA TRP A 206 -26.74 3.50 -1.54
C TRP A 206 -27.90 3.23 -2.48
N PHE A 207 -28.81 4.18 -2.56
CA PHE A 207 -29.93 4.06 -3.48
C PHE A 207 -29.48 4.46 -4.89
N THR A 208 -29.10 5.73 -5.04
CA THR A 208 -28.81 6.31 -6.34
C THR A 208 -27.76 5.55 -7.16
N ALA A 209 -26.76 4.97 -6.48
CA ALA A 209 -25.73 4.20 -7.19
C ALA A 209 -26.19 2.79 -7.54
N LEU A 210 -26.89 2.14 -6.60
CA LEU A 210 -27.31 0.75 -6.77
C LEU A 210 -28.55 0.57 -7.65
N PHE A 211 -29.54 1.44 -7.45
CA PHE A 211 -30.83 1.35 -8.14
C PHE A 211 -30.72 1.19 -9.66
N PRO A 212 -29.84 1.96 -10.33
CA PRO A 212 -29.74 1.75 -11.77
C PRO A 212 -29.34 0.33 -12.15
N TYR A 213 -28.55 -0.35 -11.32
CA TYR A 213 -28.15 -1.72 -11.61
C TYR A 213 -29.34 -2.65 -11.52
N ALA A 214 -30.29 -2.32 -10.65
CA ALA A 214 -31.53 -3.08 -10.55
C ALA A 214 -32.31 -2.93 -11.85
N VAL A 215 -32.53 -1.68 -12.24
CA VAL A 215 -33.27 -1.37 -13.47
C VAL A 215 -32.53 -1.88 -14.72
N LEU A 216 -31.21 -1.75 -14.74
CA LEU A 216 -30.41 -2.24 -15.86
C LEU A 216 -30.67 -3.73 -16.08
N LEU A 217 -30.65 -4.50 -14.99
CA LEU A 217 -30.88 -5.93 -15.06
C LEU A 217 -32.26 -6.25 -15.64
N ILE A 218 -33.27 -5.55 -15.14
CA ILE A 218 -34.65 -5.76 -15.57
C ILE A 218 -34.82 -5.41 -17.05
N LEU A 219 -34.18 -4.34 -17.48
CA LEU A 219 -34.23 -3.94 -18.87
C LEU A 219 -33.32 -4.80 -19.72
N LEU A 220 -32.26 -5.34 -19.10
CA LEU A 220 -31.37 -6.25 -19.80
C LEU A 220 -32.13 -7.51 -20.17
N ILE A 221 -32.92 -8.02 -19.23
CA ILE A 221 -33.72 -9.22 -19.47
C ILE A 221 -34.87 -8.93 -20.42
N ARG A 222 -35.61 -7.86 -20.15
CA ARG A 222 -36.70 -7.45 -21.04
C ARG A 222 -36.17 -7.13 -22.44
N GLY A 223 -34.97 -6.57 -22.50
CA GLY A 223 -34.35 -6.21 -23.76
C GLY A 223 -33.94 -7.42 -24.58
N LEU A 224 -33.33 -8.41 -23.93
CA LEU A 224 -32.83 -9.60 -24.61
C LEU A 224 -33.94 -10.63 -24.86
N THR A 225 -35.10 -10.42 -24.26
CA THR A 225 -36.27 -11.28 -24.44
C THR A 225 -37.14 -10.80 -25.60
N LEU A 226 -36.65 -9.83 -26.37
CA LEU A 226 -37.46 -9.23 -27.43
C LEU A 226 -36.96 -9.63 -28.80
N PRO A 227 -37.87 -9.71 -29.78
CA PRO A 227 -37.48 -10.11 -31.13
C PRO A 227 -36.48 -9.14 -31.74
N GLY A 228 -35.43 -9.68 -32.33
CA GLY A 228 -34.40 -8.86 -32.95
C GLY A 228 -33.38 -8.28 -31.99
N SER A 229 -33.40 -8.75 -30.75
CA SER A 229 -32.47 -8.26 -29.73
C SER A 229 -31.03 -8.57 -30.11
N PHE A 230 -30.79 -9.78 -30.63
CA PHE A 230 -29.44 -10.19 -31.00
C PHE A 230 -28.89 -9.32 -32.13
N LEU A 231 -29.79 -8.83 -32.99
CA LEU A 231 -29.40 -7.96 -34.09
C LEU A 231 -28.80 -6.67 -33.55
N GLY A 232 -29.41 -6.14 -32.49
CA GLY A 232 -28.92 -4.92 -31.87
C GLY A 232 -27.57 -5.14 -31.23
N ILE A 233 -27.44 -6.26 -30.50
CA ILE A 233 -26.17 -6.64 -29.90
C ILE A 233 -25.12 -6.79 -30.98
N GLN A 234 -25.54 -7.29 -32.14
CA GLN A 234 -24.63 -7.45 -33.27
C GLN A 234 -24.16 -6.08 -33.76
N TYR A 235 -25.09 -5.14 -33.89
CA TYR A 235 -24.73 -3.78 -34.28
C TYR A 235 -23.85 -3.11 -33.22
N TYR A 236 -24.07 -3.52 -31.97
CA TYR A 236 -23.32 -2.98 -30.84
C TYR A 236 -21.88 -3.47 -30.79
N LEU A 237 -21.69 -4.79 -30.80
CA LEU A 237 -20.36 -5.37 -30.61
C LEU A 237 -19.57 -5.84 -31.85
N THR A 238 -20.16 -5.76 -33.05
CA THR A 238 -19.51 -6.35 -34.24
C THR A 238 -18.15 -5.73 -34.52
N PRO A 239 -17.10 -6.58 -34.52
CA PRO A 239 -15.71 -6.15 -34.57
C PRO A 239 -15.24 -5.67 -35.94
N ASN A 240 -15.53 -4.42 -36.28
CA ASN A 240 -14.88 -3.77 -37.42
C ASN A 240 -13.68 -2.97 -36.93
N PHE A 241 -12.48 -3.43 -37.28
CA PHE A 241 -11.26 -2.85 -36.75
C PHE A 241 -10.75 -1.70 -37.60
N SER A 242 -11.46 -1.42 -38.69
CA SER A 242 -11.07 -0.39 -39.63
C SER A 242 -11.05 1.00 -38.99
N ALA A 243 -11.82 1.18 -37.92
CA ALA A 243 -11.93 2.47 -37.26
C ALA A 243 -10.75 2.75 -36.32
N ILE A 244 -10.04 1.71 -35.93
CA ILE A 244 -8.88 1.88 -35.04
C ILE A 244 -7.82 2.76 -35.71
N TYR A 245 -7.63 2.57 -37.01
CA TYR A 245 -6.68 3.37 -37.77
C TYR A 245 -7.03 4.86 -37.78
N LYS A 246 -8.30 5.16 -37.55
CA LYS A 246 -8.77 6.54 -37.56
C LYS A 246 -8.28 7.31 -36.34
N ALA A 247 -8.09 8.61 -36.51
CA ALA A 247 -7.59 9.46 -35.44
C ALA A 247 -8.67 9.81 -34.44
N GLU A 248 -9.86 10.16 -34.94
CA GLU A 248 -10.92 10.66 -34.09
C GLU A 248 -11.55 9.56 -33.23
N VAL A 249 -11.29 8.31 -33.58
CA VAL A 249 -11.77 7.19 -32.78
C VAL A 249 -10.98 7.11 -31.47
N TRP A 250 -9.66 7.20 -31.55
CA TRP A 250 -8.82 7.24 -30.36
C TRP A 250 -9.13 8.48 -29.53
N VAL A 251 -9.55 9.55 -30.21
CA VAL A 251 -9.98 10.76 -29.53
C VAL A 251 -11.28 10.50 -28.76
N ASP A 252 -12.21 9.78 -29.41
CA ASP A 252 -13.48 9.44 -28.79
C ASP A 252 -13.29 8.44 -27.65
N ALA A 253 -12.45 7.44 -27.89
CA ALA A 253 -12.13 6.44 -26.86
C ALA A 253 -11.50 7.10 -25.64
N ALA A 254 -10.73 8.16 -25.88
CA ALA A 254 -10.05 8.86 -24.81
C ALA A 254 -11.01 9.72 -24.01
N THR A 255 -11.59 10.72 -24.68
CA THR A 255 -12.46 11.69 -24.02
C THR A 255 -13.60 11.01 -23.26
N GLN A 256 -14.06 9.87 -23.76
CA GLN A 256 -15.10 9.13 -23.08
C GLN A 256 -14.56 8.52 -21.80
N VAL A 257 -13.42 7.84 -21.93
CA VAL A 257 -12.75 7.23 -20.78
C VAL A 257 -12.48 8.26 -19.69
N PHE A 258 -12.05 9.46 -20.09
CA PHE A 258 -11.77 10.52 -19.13
C PHE A 258 -13.04 11.10 -18.53
N PHE A 259 -14.06 11.32 -19.36
CA PHE A 259 -15.30 11.90 -18.87
C PHE A 259 -16.08 10.88 -18.05
N SER A 260 -15.93 9.60 -18.37
CA SER A 260 -16.70 8.56 -17.71
C SER A 260 -16.21 8.28 -16.29
N LEU A 261 -14.89 8.26 -16.12
CA LEU A 261 -14.26 8.11 -14.80
C LEU A 261 -14.22 9.44 -14.05
N GLY A 262 -14.18 10.54 -14.79
CA GLY A 262 -14.22 11.88 -14.24
C GLY A 262 -13.14 12.35 -13.29
N PRO A 263 -11.86 12.16 -13.64
CA PRO A 263 -10.85 12.88 -12.84
C PRO A 263 -10.82 14.35 -13.21
N GLY A 264 -10.24 15.19 -12.35
CA GLY A 264 -10.10 16.60 -12.65
C GLY A 264 -11.30 17.46 -12.32
N PHE A 265 -12.37 16.84 -11.83
CA PHE A 265 -13.51 17.60 -11.33
C PHE A 265 -13.35 17.87 -9.84
N GLY A 266 -12.34 17.23 -9.24
CA GLY A 266 -12.07 17.39 -7.82
C GLY A 266 -13.07 16.62 -6.99
N VAL A 267 -13.85 15.78 -7.66
CA VAL A 267 -14.80 14.91 -7.01
C VAL A 267 -14.09 13.74 -6.34
N LEU A 268 -13.22 13.09 -7.10
CA LEU A 268 -12.44 11.99 -6.58
C LEU A 268 -11.55 12.49 -5.44
N LEU A 269 -11.08 13.72 -5.58
CA LEU A 269 -10.27 14.35 -4.53
C LEU A 269 -11.10 14.55 -3.27
N ALA A 270 -12.25 15.21 -3.43
CA ALA A 270 -13.12 15.50 -2.31
C ALA A 270 -13.61 14.22 -1.64
N TYR A 271 -14.11 13.29 -2.45
CA TYR A 271 -14.64 12.03 -1.94
C TYR A 271 -13.58 11.22 -1.19
N ALA A 272 -12.35 11.24 -1.69
CA ALA A 272 -11.28 10.48 -1.07
C ALA A 272 -10.71 11.16 0.17
N SER A 273 -10.87 12.48 0.26
CA SER A 273 -10.31 13.24 1.38
C SER A 273 -10.94 12.82 2.72
N TYR A 274 -12.09 12.15 2.64
CA TYR A 274 -12.78 11.67 3.83
C TYR A 274 -12.43 10.22 4.13
N ASN A 275 -11.56 9.63 3.33
CA ASN A 275 -11.09 8.27 3.60
C ASN A 275 -10.11 8.24 4.77
N LYS A 276 -10.03 7.08 5.41
CA LYS A 276 -9.01 6.87 6.42
C LYS A 276 -7.66 6.71 5.72
N TYR A 277 -6.62 7.29 6.32
CA TYR A 277 -5.31 7.40 5.71
C TYR A 277 -4.69 6.08 5.22
N HIS A 278 -4.80 5.03 6.02
CA HIS A 278 -4.12 3.77 5.70
C HIS A 278 -5.00 2.81 4.89
N ASN A 279 -6.19 3.29 4.51
CA ASN A 279 -7.08 2.54 3.63
C ASN A 279 -6.41 2.23 2.30
N ASN A 280 -6.78 1.11 1.69
CA ASN A 280 -6.17 0.75 0.42
C ASN A 280 -7.00 1.34 -0.69
N VAL A 281 -6.46 2.38 -1.31
CA VAL A 281 -7.16 3.15 -2.31
C VAL A 281 -6.84 2.62 -3.71
N TYR A 282 -5.85 1.74 -3.79
CA TYR A 282 -5.45 1.19 -5.08
C TYR A 282 -6.44 0.14 -5.52
N LYS A 283 -6.96 -0.62 -4.56
CA LYS A 283 -7.99 -1.60 -4.86
C LYS A 283 -9.33 -0.90 -5.09
N ASP A 284 -9.53 0.24 -4.44
CA ASP A 284 -10.75 1.01 -4.63
C ASP A 284 -10.81 1.61 -6.04
N ALA A 285 -9.69 2.16 -6.50
CA ALA A 285 -9.64 2.77 -7.82
C ALA A 285 -9.81 1.72 -8.90
N LEU A 286 -9.22 0.55 -8.69
CA LEU A 286 -9.35 -0.53 -9.66
C LEU A 286 -10.78 -1.08 -9.68
N LEU A 287 -11.33 -1.29 -8.49
CA LEU A 287 -12.70 -1.80 -8.35
C LEU A 287 -13.71 -0.87 -9.00
N THR A 288 -13.55 0.42 -8.73
CA THR A 288 -14.46 1.43 -9.28
C THR A 288 -14.30 1.62 -10.78
N SER A 289 -13.07 1.70 -11.25
CA SER A 289 -12.78 1.81 -12.68
C SER A 289 -13.51 0.72 -13.46
N PHE A 290 -13.34 -0.51 -12.99
CA PHE A 290 -13.95 -1.66 -13.63
C PHE A 290 -15.46 -1.57 -13.66
N ILE A 291 -16.06 -1.43 -12.48
CA ILE A 291 -17.51 -1.38 -12.35
C ILE A 291 -18.13 -0.31 -13.24
N ASN A 292 -17.51 0.86 -13.27
CA ASN A 292 -17.95 1.93 -14.15
C ASN A 292 -17.94 1.50 -15.62
N SER A 293 -16.81 0.98 -16.08
CA SER A 293 -16.69 0.54 -17.46
C SER A 293 -17.55 -0.69 -17.72
N ALA A 294 -17.70 -1.53 -16.70
CA ALA A 294 -18.53 -2.73 -16.83
C ALA A 294 -19.98 -2.33 -16.98
N THR A 295 -20.39 -1.29 -16.25
CA THR A 295 -21.75 -0.78 -16.33
C THR A 295 -22.03 -0.24 -17.72
N SER A 296 -21.05 0.44 -18.29
CA SER A 296 -21.17 0.96 -19.65
C SER A 296 -21.33 -0.19 -20.63
N PHE A 297 -20.56 -1.26 -20.41
CA PHE A 297 -20.65 -2.43 -21.25
C PHE A 297 -22.02 -3.08 -21.12
N ILE A 298 -22.50 -3.21 -19.89
CA ILE A 298 -23.80 -3.81 -19.62
C ILE A 298 -24.94 -3.00 -20.22
N ALA A 299 -24.92 -1.69 -19.99
CA ALA A 299 -25.94 -0.79 -20.52
C ALA A 299 -25.95 -0.83 -22.04
N GLY A 300 -24.79 -1.11 -22.62
CA GLY A 300 -24.69 -1.28 -24.06
C GLY A 300 -25.66 -2.32 -24.56
N PHE A 301 -25.72 -3.46 -23.88
CA PHE A 301 -26.67 -4.50 -24.23
C PHE A 301 -28.08 -4.03 -23.94
N VAL A 302 -28.24 -3.28 -22.85
CA VAL A 302 -29.56 -2.79 -22.45
C VAL A 302 -30.15 -1.88 -23.51
N ILE A 303 -29.34 -0.98 -24.04
CA ILE A 303 -29.80 -0.05 -25.07
C ILE A 303 -29.99 -0.75 -26.42
N PHE A 304 -28.99 -1.49 -26.86
CA PHE A 304 -29.02 -2.03 -28.21
C PHE A 304 -29.89 -3.26 -28.39
N SER A 305 -30.16 -4.00 -27.32
CA SER A 305 -31.11 -5.10 -27.42
C SER A 305 -32.47 -4.51 -27.77
N VAL A 306 -32.77 -3.36 -27.19
CA VAL A 306 -34.01 -2.65 -27.46
C VAL A 306 -33.93 -1.91 -28.79
N LEU A 307 -32.74 -1.41 -29.12
CA LEU A 307 -32.51 -0.74 -30.39
C LEU A 307 -32.68 -1.70 -31.57
N GLY A 308 -32.31 -2.96 -31.37
CA GLY A 308 -32.46 -3.96 -32.41
C GLY A 308 -33.92 -4.35 -32.58
N TYR A 309 -34.66 -4.37 -31.49
CA TYR A 309 -36.08 -4.68 -31.49
C TYR A 309 -36.86 -3.68 -32.35
N MET A 310 -36.35 -2.46 -32.42
CA MET A 310 -36.99 -1.42 -33.23
C MET A 310 -36.73 -1.62 -34.72
N ALA A 311 -35.52 -2.05 -35.07
CA ALA A 311 -35.16 -2.26 -36.46
C ALA A 311 -35.78 -3.54 -37.03
N HIS A 312 -36.37 -4.36 -36.16
CA HIS A 312 -37.00 -5.60 -36.57
C HIS A 312 -38.52 -5.46 -36.66
N THR A 313 -39.17 -5.26 -35.52
CA THR A 313 -40.63 -5.19 -35.47
C THR A 313 -41.19 -3.83 -35.91
N LEU A 314 -40.46 -2.75 -35.61
CA LEU A 314 -40.97 -1.41 -35.82
C LEU A 314 -40.57 -0.80 -37.16
N GLY A 315 -39.80 -1.53 -37.94
CA GLY A 315 -39.46 -1.13 -39.31
C GLY A 315 -38.77 0.22 -39.40
N VAL A 316 -37.65 0.37 -38.71
CA VAL A 316 -36.87 1.60 -38.74
C VAL A 316 -35.40 1.29 -39.06
N ARG A 317 -34.67 2.27 -39.58
CA ARG A 317 -33.26 2.08 -39.92
C ARG A 317 -32.38 2.31 -38.68
N ILE A 318 -31.34 1.50 -38.55
CA ILE A 318 -30.54 1.46 -37.32
C ILE A 318 -29.81 2.77 -37.04
N GLU A 319 -29.35 3.46 -38.08
CA GLU A 319 -28.54 4.66 -37.87
C GLU A 319 -29.37 5.81 -37.33
N ASP A 320 -30.70 5.73 -37.51
CA ASP A 320 -31.60 6.75 -36.98
C ASP A 320 -31.85 6.58 -35.49
N VAL A 321 -32.02 5.33 -35.06
CA VAL A 321 -32.32 5.06 -33.65
C VAL A 321 -31.07 4.91 -32.78
N ALA A 322 -29.89 4.80 -33.41
CA ALA A 322 -28.68 4.72 -32.61
C ALA A 322 -28.15 6.13 -32.44
N THR A 323 -28.25 6.62 -31.22
CA THR A 323 -28.04 8.04 -30.98
C THR A 323 -27.31 8.24 -29.66
N GLU A 324 -26.62 9.37 -29.55
CA GLU A 324 -26.02 9.72 -28.29
C GLU A 324 -26.82 10.83 -27.61
N GLY A 325 -26.37 11.21 -26.43
CA GLY A 325 -26.93 12.34 -25.71
C GLY A 325 -28.36 12.12 -25.28
N PRO A 326 -29.01 13.19 -24.82
CA PRO A 326 -30.42 13.15 -24.38
C PRO A 326 -31.36 12.55 -25.42
N GLY A 327 -31.01 12.65 -26.69
CA GLY A 327 -31.86 12.16 -27.75
C GLY A 327 -32.18 10.68 -27.60
N LEU A 328 -31.20 9.92 -27.13
CA LEU A 328 -31.37 8.49 -26.97
C LEU A 328 -32.37 8.13 -25.88
N VAL A 329 -32.13 8.64 -24.66
CA VAL A 329 -32.95 8.25 -23.52
C VAL A 329 -34.28 9.00 -23.41
N PHE A 330 -34.37 10.20 -23.97
CA PHE A 330 -35.62 10.95 -23.90
C PHE A 330 -36.50 10.84 -25.14
N VAL A 331 -36.00 10.19 -26.19
CA VAL A 331 -36.78 10.07 -27.42
C VAL A 331 -36.77 8.64 -27.94
N VAL A 332 -35.59 8.18 -28.36
CA VAL A 332 -35.47 6.90 -29.03
C VAL A 332 -35.92 5.71 -28.16
N TYR A 333 -35.32 5.57 -26.98
CA TYR A 333 -35.65 4.46 -26.09
C TYR A 333 -37.10 4.47 -25.58
N PRO A 334 -37.65 5.65 -25.19
CA PRO A 334 -39.06 5.62 -24.78
C PRO A 334 -40.00 5.25 -25.91
N ALA A 335 -39.60 5.56 -27.14
CA ALA A 335 -40.39 5.23 -28.31
C ALA A 335 -40.57 3.72 -28.45
N ALA A 336 -39.52 2.99 -28.08
CA ALA A 336 -39.55 1.53 -28.12
C ALA A 336 -40.38 0.95 -26.99
N ILE A 337 -40.14 1.44 -25.77
CA ILE A 337 -40.87 1.00 -24.59
C ILE A 337 -42.37 1.01 -24.80
N ALA A 338 -42.85 2.07 -25.44
CA ALA A 338 -44.27 2.27 -25.68
C ALA A 338 -44.92 1.11 -26.43
N THR A 339 -44.14 0.46 -27.28
CA THR A 339 -44.66 -0.61 -28.12
C THR A 339 -44.80 -1.93 -27.37
N MET A 340 -43.82 -2.26 -26.53
CA MET A 340 -43.80 -3.54 -25.85
C MET A 340 -44.82 -3.61 -24.71
N PRO A 341 -45.34 -4.81 -24.42
CA PRO A 341 -46.33 -5.01 -23.35
C PRO A 341 -45.85 -4.52 -22.00
N ALA A 342 -46.79 -4.08 -21.17
CA ALA A 342 -46.51 -3.55 -19.84
C ALA A 342 -45.56 -2.35 -19.91
N SER A 343 -45.80 -1.49 -20.90
CA SER A 343 -44.94 -0.35 -21.17
C SER A 343 -44.81 0.62 -20.00
N THR A 344 -45.93 0.92 -19.33
CA THR A 344 -45.96 1.91 -18.26
C THR A 344 -44.95 1.58 -17.16
N PHE A 345 -44.73 0.30 -16.95
CA PHE A 345 -43.76 -0.14 -15.95
C PHE A 345 -42.34 0.14 -16.43
N TRP A 346 -42.02 -0.27 -17.65
CA TRP A 346 -40.68 -0.09 -18.20
C TRP A 346 -40.32 1.39 -18.26
N ALA A 347 -41.30 2.24 -18.53
CA ALA A 347 -41.07 3.67 -18.60
C ALA A 347 -40.70 4.23 -17.24
N LEU A 348 -41.51 3.91 -16.23
CA LEU A 348 -41.32 4.43 -14.88
C LEU A 348 -39.96 4.11 -14.29
N ILE A 349 -39.49 2.88 -14.48
CA ILE A 349 -38.20 2.48 -13.93
C ILE A 349 -37.05 3.08 -14.74
N PHE A 350 -37.29 3.26 -16.04
CA PHE A 350 -36.26 3.79 -16.93
C PHE A 350 -35.93 5.23 -16.58
N PHE A 351 -36.95 6.07 -16.49
CA PHE A 351 -36.75 7.47 -16.17
C PHE A 351 -36.23 7.64 -14.75
N MET A 352 -36.64 6.75 -13.86
CA MET A 352 -36.14 6.80 -12.50
C MET A 352 -34.67 6.37 -12.49
N MET A 353 -34.31 5.48 -13.41
CA MET A 353 -32.91 5.09 -13.56
C MET A 353 -32.08 6.28 -14.02
N LEU A 354 -32.59 7.00 -15.01
CA LEU A 354 -31.89 8.17 -15.53
C LEU A 354 -31.67 9.21 -14.46
N ALA A 355 -32.69 9.44 -13.64
CA ALA A 355 -32.59 10.40 -12.55
C ALA A 355 -31.53 9.93 -11.56
N THR A 356 -31.61 8.67 -11.15
CA THR A 356 -30.68 8.10 -10.19
C THR A 356 -29.30 7.87 -10.79
N LEU A 357 -29.18 7.97 -12.10
CA LEU A 357 -27.86 7.93 -12.73
C LEU A 357 -27.21 9.30 -12.62
N GLY A 358 -28.03 10.35 -12.73
CA GLY A 358 -27.55 11.70 -12.64
C GLY A 358 -27.24 12.17 -11.23
N LEU A 359 -28.12 11.84 -10.28
CA LEU A 359 -28.05 12.43 -8.94
C LEU A 359 -26.71 12.22 -8.25
N ASP A 360 -26.31 10.95 -8.09
CA ASP A 360 -25.04 10.60 -7.47
C ASP A 360 -23.87 11.20 -8.24
N SER A 361 -24.00 11.30 -9.56
CA SER A 361 -23.02 12.02 -10.36
C SER A 361 -23.03 13.51 -10.03
N SER A 362 -24.21 14.06 -9.76
CA SER A 362 -24.32 15.47 -9.39
C SER A 362 -23.89 15.70 -7.95
N PHE A 363 -24.15 14.72 -7.10
CA PHE A 363 -23.71 14.76 -5.70
C PHE A 363 -22.21 15.00 -5.64
N GLY A 364 -21.48 14.27 -6.48
CA GLY A 364 -20.04 14.34 -6.50
C GLY A 364 -19.55 15.71 -6.93
N GLY A 365 -20.13 16.22 -8.00
CA GLY A 365 -19.75 17.53 -8.50
C GLY A 365 -19.93 18.59 -7.44
N SER A 366 -21.09 18.56 -6.79
CA SER A 366 -21.41 19.50 -5.73
C SER A 366 -20.48 19.31 -4.54
N GLU A 367 -20.34 18.07 -4.08
CA GLU A 367 -19.46 17.76 -2.96
C GLU A 367 -18.04 18.24 -3.23
N ALA A 368 -17.61 18.08 -4.48
CA ALA A 368 -16.29 18.53 -4.89
C ALA A 368 -16.11 20.00 -4.62
N ILE A 369 -17.17 20.77 -4.85
CA ILE A 369 -17.17 22.20 -4.60
C ILE A 369 -17.27 22.50 -3.10
N ILE A 370 -18.22 21.86 -2.44
CA ILE A 370 -18.45 22.14 -1.02
C ILE A 370 -17.23 21.77 -0.17
N THR A 371 -16.73 20.55 -0.35
CA THR A 371 -15.55 20.09 0.38
C THR A 371 -14.34 21.00 0.10
N ALA A 372 -14.16 21.36 -1.16
CA ALA A 372 -13.04 22.21 -1.54
C ALA A 372 -13.14 23.57 -0.86
N LEU A 373 -14.35 24.11 -0.81
CA LEU A 373 -14.58 25.40 -0.20
C LEU A 373 -14.61 25.31 1.32
N SER A 374 -15.10 24.19 1.84
CA SER A 374 -15.14 23.97 3.29
C SER A 374 -13.73 23.93 3.87
N ASP A 375 -12.81 23.30 3.16
CA ASP A 375 -11.45 23.15 3.64
C ASP A 375 -10.66 24.44 3.49
N GLU A 376 -11.03 25.26 2.50
CA GLU A 376 -10.40 26.56 2.29
C GLU A 376 -10.84 27.60 3.31
N PHE A 377 -12.15 27.73 3.48
CA PHE A 377 -12.69 28.74 4.39
C PHE A 377 -13.45 28.11 5.56
N PRO A 378 -12.95 28.33 6.80
CA PRO A 378 -13.60 27.84 8.02
C PRO A 378 -15.02 28.39 8.20
N LYS A 379 -15.34 29.45 7.47
CA LYS A 379 -16.65 30.10 7.56
C LYS A 379 -17.66 29.36 6.69
N ILE A 380 -17.18 28.28 6.06
CA ILE A 380 -18.02 27.38 5.27
C ILE A 380 -18.41 26.14 6.07
N LYS A 381 -17.40 25.38 6.50
CA LYS A 381 -17.59 24.04 7.09
C LYS A 381 -18.65 23.92 8.18
N ARG A 382 -18.64 24.80 9.17
CA ARG A 382 -19.62 24.75 10.25
C ARG A 382 -20.98 25.25 9.76
N ASN A 383 -20.93 26.06 8.72
CA ASN A 383 -22.10 26.71 8.13
C ASN A 383 -22.69 25.92 6.96
N ARG A 384 -22.18 24.71 6.73
CA ARG A 384 -22.50 23.91 5.57
C ARG A 384 -24.00 23.82 5.25
N GLU A 385 -24.83 23.64 6.26
CA GLU A 385 -26.28 23.60 6.07
C GLU A 385 -26.75 24.84 5.31
N LEU A 386 -26.22 25.99 5.69
CA LEU A 386 -26.61 27.25 5.08
C LEU A 386 -25.96 27.47 3.72
N PHE A 387 -24.75 26.93 3.54
CA PHE A 387 -24.01 27.14 2.30
C PHE A 387 -24.63 26.43 1.10
N VAL A 388 -24.90 25.14 1.25
CA VAL A 388 -25.45 24.34 0.16
C VAL A 388 -26.84 24.84 -0.24
N ALA A 389 -27.51 25.51 0.70
CA ALA A 389 -28.78 26.16 0.39
C ALA A 389 -28.54 27.31 -0.57
N GLY A 390 -27.51 28.10 -0.28
CA GLY A 390 -27.17 29.23 -1.13
C GLY A 390 -26.71 28.78 -2.50
N LEU A 391 -25.88 27.75 -2.52
CA LEU A 391 -25.32 27.23 -3.76
C LEU A 391 -26.41 26.71 -4.69
N PHE A 392 -27.30 25.89 -4.15
CA PHE A 392 -28.35 25.30 -4.97
C PHE A 392 -29.42 26.33 -5.33
N SER A 393 -29.56 27.37 -4.51
CA SER A 393 -30.44 28.46 -4.85
C SER A 393 -29.90 29.20 -6.07
N LEU A 394 -28.59 29.40 -6.09
CA LEU A 394 -27.92 29.96 -7.25
C LEU A 394 -28.09 29.04 -8.45
N TYR A 395 -27.95 27.74 -8.21
CA TYR A 395 -28.13 26.73 -9.24
C TYR A 395 -29.54 26.77 -9.81
N PHE A 396 -30.53 26.90 -8.93
CA PHE A 396 -31.91 26.89 -9.35
C PHE A 396 -32.27 28.14 -10.13
N VAL A 397 -31.99 29.29 -9.54
CA VAL A 397 -32.36 30.57 -10.14
C VAL A 397 -31.75 30.73 -11.53
N VAL A 398 -30.43 30.56 -11.62
CA VAL A 398 -29.77 30.61 -12.92
C VAL A 398 -30.22 29.44 -13.78
N GLY A 399 -30.49 28.31 -13.13
CA GLY A 399 -30.93 27.12 -13.84
C GLY A 399 -32.31 27.22 -14.45
N LEU A 400 -33.05 28.26 -14.07
CA LEU A 400 -34.37 28.50 -14.66
C LEU A 400 -34.25 28.77 -16.16
N ALA A 401 -33.06 29.23 -16.58
CA ALA A 401 -32.78 29.43 -18.00
C ALA A 401 -32.86 28.11 -18.76
N SER A 402 -32.55 27.01 -18.09
CA SER A 402 -32.62 25.69 -18.70
C SER A 402 -34.07 25.21 -18.78
N CYS A 403 -34.94 25.85 -18.00
CA CYS A 403 -36.36 25.49 -17.96
C CYS A 403 -37.18 26.35 -18.91
N THR A 404 -36.51 27.23 -19.66
CA THR A 404 -37.21 28.04 -20.63
C THR A 404 -37.54 27.23 -21.88
N GLN A 405 -38.19 27.87 -22.83
CA GLN A 405 -38.57 27.20 -24.08
C GLN A 405 -37.34 27.04 -24.96
N GLY A 406 -36.36 27.92 -24.76
CA GLY A 406 -35.08 27.80 -25.42
C GLY A 406 -34.08 27.14 -24.50
N GLY A 407 -34.60 26.44 -23.49
CA GLY A 407 -33.79 25.82 -22.47
C GLY A 407 -32.74 24.86 -22.99
N PHE A 408 -33.08 24.10 -24.02
CA PHE A 408 -32.15 23.11 -24.54
C PHE A 408 -30.97 23.79 -25.22
N TYR A 409 -31.21 24.94 -25.83
CA TYR A 409 -30.15 25.67 -26.52
C TYR A 409 -29.12 26.16 -25.51
N PHE A 410 -29.59 26.51 -24.32
CA PHE A 410 -28.73 26.91 -23.22
C PHE A 410 -28.00 25.70 -22.65
N PHE A 411 -28.75 24.61 -22.47
CA PHE A 411 -28.18 23.34 -22.04
C PHE A 411 -27.10 22.89 -22.99
N HIS A 412 -27.42 22.82 -24.28
CA HIS A 412 -26.51 22.26 -25.28
C HIS A 412 -25.21 23.07 -25.33
N LEU A 413 -25.32 24.37 -25.08
CA LEU A 413 -24.16 25.26 -25.06
C LEU A 413 -23.23 24.93 -23.89
N LEU A 414 -23.80 24.81 -22.70
CA LEU A 414 -23.03 24.41 -21.53
C LEU A 414 -22.50 23.00 -21.70
N ASP A 415 -23.31 22.14 -22.31
CA ASP A 415 -22.94 20.76 -22.58
C ASP A 415 -21.56 20.71 -23.23
N ARG A 416 -21.36 21.52 -24.26
CA ARG A 416 -20.07 21.57 -24.93
C ARG A 416 -18.98 22.32 -24.16
N TYR A 417 -19.27 23.55 -23.74
CA TYR A 417 -18.22 24.42 -23.19
C TYR A 417 -17.99 24.46 -21.67
N ALA A 418 -18.89 23.88 -20.86
CA ALA A 418 -18.75 24.03 -19.40
C ALA A 418 -17.56 23.22 -18.92
N ALA A 419 -17.61 21.94 -19.25
CA ALA A 419 -16.46 21.08 -19.21
C ALA A 419 -16.26 20.69 -20.66
N GLY A 420 -15.26 19.88 -20.94
CA GLY A 420 -14.89 19.63 -22.31
C GLY A 420 -13.42 19.29 -22.29
N TYR A 421 -12.76 19.56 -23.42
CA TYR A 421 -11.31 19.51 -23.48
C TYR A 421 -10.68 20.42 -22.40
N SER A 422 -11.50 21.34 -21.89
CA SER A 422 -11.15 22.19 -20.75
C SER A 422 -10.84 21.40 -19.48
N ILE A 423 -11.48 20.24 -19.32
CA ILE A 423 -11.20 19.39 -18.19
C ILE A 423 -9.90 18.65 -18.44
N LEU A 424 -9.56 18.46 -19.72
CA LEU A 424 -8.38 17.70 -20.06
C LEU A 424 -7.11 18.48 -19.73
N VAL A 425 -7.14 19.78 -19.95
CA VAL A 425 -5.97 20.61 -19.63
C VAL A 425 -5.84 20.77 -18.13
N ALA A 426 -6.96 20.68 -17.41
CA ALA A 426 -6.92 20.69 -15.95
C ALA A 426 -6.23 19.42 -15.48
N VAL A 427 -6.72 18.29 -15.96
CA VAL A 427 -6.16 16.98 -15.61
C VAL A 427 -4.72 16.86 -16.12
N PHE A 428 -4.44 17.45 -17.27
CA PHE A 428 -3.07 17.46 -17.79
C PHE A 428 -2.15 18.19 -16.83
N PHE A 429 -2.63 19.30 -16.30
CA PHE A 429 -1.86 20.06 -15.32
C PHE A 429 -1.85 19.34 -13.98
N GLU A 430 -2.86 18.51 -13.74
CA GLU A 430 -2.88 17.68 -12.55
C GLU A 430 -1.78 16.62 -12.63
N ALA A 431 -1.55 16.07 -13.81
CA ALA A 431 -0.56 15.02 -14.00
C ALA A 431 0.86 15.57 -13.98
N ILE A 432 1.06 16.69 -14.64
CA ILE A 432 2.38 17.31 -14.75
C ILE A 432 2.85 17.84 -13.39
N ALA A 433 1.94 18.43 -12.64
CA ALA A 433 2.26 18.95 -11.30
C ALA A 433 2.71 17.83 -10.36
N VAL A 434 1.99 16.71 -10.39
CA VAL A 434 2.29 15.59 -9.51
C VAL A 434 3.58 14.87 -9.91
N SER A 435 3.68 14.51 -11.19
CA SER A 435 4.76 13.65 -11.65
C SER A 435 6.11 14.35 -11.78
N TRP A 436 6.07 15.66 -12.04
CA TRP A 436 7.28 16.42 -12.38
C TRP A 436 7.67 17.41 -11.28
N ILE A 437 6.78 18.34 -10.95
CA ILE A 437 7.07 19.34 -9.94
C ILE A 437 7.08 18.69 -8.56
N TYR A 438 5.94 18.17 -8.13
CA TYR A 438 5.87 17.39 -6.89
C TYR A 438 6.76 16.15 -6.99
N GLY A 439 6.71 15.49 -8.14
CA GLY A 439 7.57 14.35 -8.43
C GLY A 439 6.92 13.00 -8.17
N THR A 440 7.31 12.00 -8.95
CA THR A 440 6.73 10.67 -8.81
C THR A 440 7.33 9.95 -7.61
N ASN A 441 8.64 10.08 -7.44
CA ASN A 441 9.34 9.45 -6.33
C ASN A 441 8.78 9.92 -5.00
N ARG A 442 8.37 11.19 -4.95
CA ARG A 442 7.78 11.76 -3.76
C ARG A 442 6.32 11.32 -3.61
N PHE A 443 5.66 11.11 -4.74
CA PHE A 443 4.26 10.69 -4.74
C PHE A 443 4.10 9.21 -4.44
N SER A 444 4.96 8.38 -5.02
CA SER A 444 4.96 6.95 -4.74
C SER A 444 5.20 6.70 -3.27
N GLU A 445 6.12 7.48 -2.69
CA GLU A 445 6.44 7.43 -1.27
C GLU A 445 5.22 7.75 -0.41
N ASP A 446 4.37 8.65 -0.90
CA ASP A 446 3.15 9.02 -0.19
C ASP A 446 2.14 7.88 -0.15
N ILE A 447 2.03 7.17 -1.26
CA ILE A 447 1.08 6.07 -1.37
C ILE A 447 1.58 4.86 -0.59
N ARG A 448 2.89 4.64 -0.59
CA ARG A 448 3.52 3.60 0.23
C ARG A 448 3.13 3.78 1.70
N ASP A 449 3.22 5.00 2.20
CA ASP A 449 2.91 5.25 3.60
C ASP A 449 1.45 4.87 3.91
N MET A 450 0.58 5.02 2.92
CA MET A 450 -0.83 4.76 3.10
C MET A 450 -1.18 3.29 2.97
N ILE A 451 -1.08 2.78 1.75
CA ILE A 451 -1.53 1.43 1.44
C ILE A 451 -0.48 0.37 1.75
N GLY A 452 0.74 0.80 2.04
CA GLY A 452 1.79 -0.12 2.44
C GLY A 452 2.80 -0.43 1.36
N PHE A 453 2.44 -0.17 0.12
CA PHE A 453 3.32 -0.45 -1.01
C PHE A 453 3.27 0.65 -2.07
N PRO A 454 4.40 0.91 -2.74
CA PRO A 454 4.44 1.94 -3.79
C PRO A 454 3.80 1.42 -5.08
N PRO A 455 3.31 2.34 -5.92
CA PRO A 455 2.76 1.98 -7.23
C PRO A 455 3.81 1.35 -8.12
N GLY A 456 3.41 0.39 -8.97
CA GLY A 456 4.33 -0.23 -9.88
C GLY A 456 4.92 0.80 -10.83
N ARG A 457 5.99 0.44 -11.53
CA ARG A 457 6.59 1.38 -12.47
C ARG A 457 5.61 1.69 -13.59
N TYR A 458 4.66 0.79 -13.81
CA TYR A 458 3.62 0.99 -14.81
C TYR A 458 2.81 2.27 -14.55
N TRP A 459 2.31 2.42 -13.33
CA TRP A 459 1.51 3.59 -12.98
C TRP A 459 2.34 4.85 -13.09
N GLN A 460 3.59 4.77 -12.66
CA GLN A 460 4.48 5.92 -12.64
C GLN A 460 4.75 6.44 -14.04
N VAL A 461 5.05 5.53 -14.96
CA VAL A 461 5.28 5.91 -16.35
C VAL A 461 3.99 6.51 -16.91
N CYS A 462 2.85 5.94 -16.54
CA CYS A 462 1.55 6.44 -17.01
C CYS A 462 1.33 7.87 -16.54
N TRP A 463 1.54 8.13 -15.25
CA TRP A 463 1.39 9.49 -14.71
C TRP A 463 2.42 10.46 -15.28
N ARG A 464 3.66 10.00 -15.41
CA ARG A 464 4.76 10.86 -15.84
C ARG A 464 4.81 11.09 -17.35
N PHE A 465 4.59 10.03 -18.12
CA PHE A 465 4.77 10.10 -19.56
C PHE A 465 3.47 9.90 -20.34
N VAL A 466 2.91 8.69 -20.23
CA VAL A 466 1.81 8.29 -21.08
C VAL A 466 0.57 9.18 -20.97
N ALA A 467 0.04 9.35 -19.76
CA ALA A 467 -1.19 10.13 -19.59
C ALA A 467 -1.04 11.59 -20.06
N PRO A 468 0.05 12.29 -19.67
CA PRO A 468 0.21 13.64 -20.23
C PRO A 468 0.31 13.65 -21.76
N ILE A 469 1.06 12.71 -22.32
CA ILE A 469 1.14 12.55 -23.77
C ILE A 469 -0.24 12.25 -24.36
N PHE A 470 -0.90 11.21 -23.86
CA PHE A 470 -2.19 10.79 -24.40
C PHE A 470 -3.32 11.74 -24.02
N LEU A 471 -3.01 12.73 -23.17
CA LEU A 471 -3.92 13.84 -22.90
C LEU A 471 -3.65 14.97 -23.88
N LEU A 472 -2.44 15.49 -23.82
CA LEU A 472 -2.02 16.62 -24.64
C LEU A 472 -2.38 16.45 -26.12
N PHE A 473 -2.13 15.27 -26.67
CA PHE A 473 -2.36 15.10 -28.11
C PHE A 473 -3.84 14.86 -28.47
N ILE A 474 -4.65 14.36 -27.53
CA ILE A 474 -6.08 14.24 -27.83
C ILE A 474 -6.78 15.58 -27.67
N THR A 475 -6.25 16.44 -26.80
CA THR A 475 -6.85 17.75 -26.57
C THR A 475 -6.46 18.67 -27.71
N VAL A 476 -5.35 18.34 -28.37
CA VAL A 476 -4.91 19.07 -29.56
C VAL A 476 -5.70 18.63 -30.79
N TYR A 477 -5.92 17.33 -30.94
CA TYR A 477 -6.64 16.80 -32.09
C TYR A 477 -8.13 17.07 -32.01
N GLY A 478 -8.57 17.58 -30.86
CA GLY A 478 -9.95 18.01 -30.70
C GLY A 478 -10.11 19.48 -31.04
N LEU A 479 -9.00 20.22 -30.98
CA LEU A 479 -8.99 21.64 -31.36
C LEU A 479 -8.92 21.83 -32.86
N ILE A 480 -8.26 20.90 -33.54
CA ILE A 480 -8.15 20.96 -35.00
C ILE A 480 -9.45 20.47 -35.62
N GLY A 481 -10.09 19.55 -34.94
CA GLY A 481 -11.38 19.04 -35.35
C GLY A 481 -12.52 19.87 -34.78
N TYR A 482 -12.21 21.08 -34.34
CA TYR A 482 -13.21 21.98 -33.78
C TYR A 482 -14.05 22.67 -34.86
N GLU A 483 -15.34 22.81 -34.60
CA GLU A 483 -16.26 23.54 -35.47
C GLU A 483 -17.29 24.27 -34.62
N PRO A 484 -17.85 25.38 -35.14
CA PRO A 484 -18.83 26.16 -34.38
C PRO A 484 -20.02 25.32 -33.91
N LEU A 485 -20.61 25.71 -32.78
CA LEU A 485 -21.68 24.92 -32.16
C LEU A 485 -22.99 25.00 -32.92
N THR A 486 -23.57 23.85 -33.19
CA THR A 486 -24.86 23.74 -33.85
C THR A 486 -25.68 22.64 -33.18
N TYR A 487 -26.96 22.92 -32.96
CA TYR A 487 -27.88 21.85 -32.59
C TYR A 487 -28.93 21.70 -33.66
N ALA A 488 -29.10 20.48 -34.16
CA ALA A 488 -29.99 20.21 -35.30
C ALA A 488 -29.71 21.19 -36.42
N ASP A 489 -30.77 21.84 -36.90
CA ASP A 489 -30.63 22.79 -38.00
C ASP A 489 -30.20 24.15 -37.49
N TYR A 490 -30.27 24.34 -36.18
CA TYR A 490 -29.93 25.62 -35.59
C TYR A 490 -28.43 25.81 -35.45
N VAL A 491 -27.94 26.95 -35.91
CA VAL A 491 -26.53 27.29 -35.78
C VAL A 491 -26.36 28.42 -34.78
N TYR A 492 -25.67 28.13 -33.68
CA TYR A 492 -25.41 29.14 -32.66
C TYR A 492 -24.63 30.31 -33.23
N PRO A 493 -24.97 31.53 -32.79
CA PRO A 493 -24.33 32.75 -33.28
C PRO A 493 -22.86 32.80 -32.87
N SER A 494 -22.07 33.64 -33.55
CA SER A 494 -20.65 33.75 -33.27
C SER A 494 -20.38 34.22 -31.84
N TRP A 495 -21.31 34.97 -31.25
CA TRP A 495 -21.12 35.48 -29.89
C TRP A 495 -21.39 34.41 -28.85
N ALA A 496 -22.27 33.47 -29.16
CA ALA A 496 -22.59 32.38 -28.24
C ALA A 496 -21.38 31.47 -28.07
N ASN A 497 -20.63 31.27 -29.16
CA ASN A 497 -19.38 30.51 -29.10
C ASN A 497 -18.37 31.17 -28.17
N ALA A 498 -18.25 32.49 -28.26
CA ALA A 498 -17.30 33.24 -27.45
C ALA A 498 -17.67 33.22 -25.97
N LEU A 499 -18.97 33.20 -25.68
CA LEU A 499 -19.44 33.09 -24.30
C LEU A 499 -19.05 31.74 -23.70
N GLY A 500 -19.14 30.70 -24.52
CA GLY A 500 -18.79 29.36 -24.10
C GLY A 500 -17.30 29.23 -23.83
N TRP A 501 -16.50 29.88 -24.65
CA TRP A 501 -15.05 29.87 -24.48
C TRP A 501 -14.66 30.54 -23.17
N CYS A 502 -15.38 31.59 -22.80
CA CYS A 502 -15.16 32.25 -21.52
C CYS A 502 -15.45 31.29 -20.38
N ILE A 503 -16.56 30.58 -20.49
CA ILE A 503 -16.93 29.55 -19.51
C ILE A 503 -15.83 28.49 -19.43
N ALA A 504 -15.36 28.06 -20.60
CA ALA A 504 -14.30 27.06 -20.66
C ALA A 504 -12.98 27.67 -20.20
N GLY A 505 -12.81 28.96 -20.49
CA GLY A 505 -11.61 29.67 -20.13
C GLY A 505 -11.53 30.08 -18.67
N SER A 506 -12.63 30.59 -18.14
CA SER A 506 -12.65 31.19 -16.79
C SER A 506 -12.10 30.23 -15.73
N SER A 507 -12.27 28.94 -15.97
CA SER A 507 -11.73 27.93 -15.08
C SER A 507 -10.24 27.75 -15.33
N VAL A 508 -9.90 27.29 -16.53
CA VAL A 508 -8.52 27.00 -16.89
C VAL A 508 -7.55 28.15 -16.62
N VAL A 509 -7.98 29.39 -16.89
CA VAL A 509 -7.10 30.55 -16.68
C VAL A 509 -6.73 30.75 -15.23
N MET A 510 -7.50 30.16 -14.31
CA MET A 510 -7.18 30.22 -12.89
C MET A 510 -5.82 29.59 -12.64
N ILE A 511 -5.46 28.61 -13.46
CA ILE A 511 -4.18 27.93 -13.29
C ILE A 511 -2.99 28.88 -13.54
N PRO A 512 -2.92 29.56 -14.70
CA PRO A 512 -1.86 30.57 -14.78
C PRO A 512 -2.12 31.82 -13.94
N ALA A 513 -3.37 32.19 -13.71
CA ALA A 513 -3.67 33.45 -13.03
C ALA A 513 -3.26 33.39 -11.57
N VAL A 514 -3.73 32.37 -10.86
CA VAL A 514 -3.40 32.21 -9.45
C VAL A 514 -1.91 31.92 -9.30
N ALA A 515 -1.33 31.29 -10.31
CA ALA A 515 0.11 31.09 -10.35
C ALA A 515 0.82 32.45 -10.35
N ILE A 516 0.50 33.27 -11.35
CA ILE A 516 1.11 34.59 -11.49
C ILE A 516 0.84 35.44 -10.25
N PHE A 517 -0.38 35.39 -9.76
CA PHE A 517 -0.77 36.16 -8.59
C PHE A 517 0.09 35.81 -7.38
N LYS A 518 0.14 34.53 -7.03
CA LYS A 518 0.91 34.07 -5.89
C LYS A 518 2.41 34.06 -6.20
N LEU A 519 2.76 34.22 -7.47
CA LEU A 519 4.16 34.33 -7.86
C LEU A 519 4.65 35.74 -7.54
N LEU A 520 3.78 36.73 -7.72
CA LEU A 520 4.11 38.10 -7.37
C LEU A 520 3.92 38.37 -5.87
N SER A 521 3.10 37.54 -5.23
CA SER A 521 2.67 37.79 -3.85
C SER A 521 3.74 37.45 -2.80
N THR A 522 4.36 36.29 -2.94
CA THR A 522 5.33 35.80 -1.95
C THR A 522 6.60 36.65 -1.93
N PRO A 523 7.26 36.74 -0.76
CA PRO A 523 8.53 37.48 -0.74
C PRO A 523 9.65 36.67 -1.38
N GLY A 524 10.55 37.34 -2.09
CA GLY A 524 11.71 36.68 -2.63
C GLY A 524 12.13 37.29 -3.95
N SER A 525 13.01 36.58 -4.65
CA SER A 525 13.41 36.98 -5.98
C SER A 525 13.94 35.75 -6.72
N LEU A 526 14.35 35.96 -7.96
CA LEU A 526 15.10 34.99 -8.76
C LEU A 526 14.50 33.60 -8.80
N ARG A 527 15.38 32.61 -8.73
CA ARG A 527 15.03 31.19 -8.68
C ARG A 527 14.15 30.84 -7.48
N GLN A 528 14.73 30.98 -6.29
CA GLN A 528 14.20 30.37 -5.06
C GLN A 528 12.80 30.86 -4.68
N ARG A 529 12.32 31.88 -5.36
CA ARG A 529 10.91 32.22 -5.35
C ARG A 529 10.07 31.02 -5.77
N PHE A 530 10.62 30.20 -6.66
CA PHE A 530 9.96 28.98 -7.11
C PHE A 530 10.03 27.89 -6.03
N THR A 531 11.10 27.88 -5.25
CA THR A 531 11.25 26.89 -4.18
C THR A 531 10.10 27.03 -3.19
N ILE A 532 9.75 28.27 -2.88
CA ILE A 532 8.66 28.54 -1.95
C ILE A 532 7.37 27.94 -2.49
N LEU A 533 7.16 28.06 -3.79
CA LEU A 533 5.96 27.54 -4.43
C LEU A 533 6.09 26.11 -4.98
N THR A 534 7.30 25.57 -5.05
CA THR A 534 7.47 24.14 -5.37
C THR A 534 7.70 23.25 -4.15
N THR A 535 7.77 23.86 -2.96
CA THR A 535 7.88 23.07 -1.75
C THR A 535 6.49 22.84 -1.17
N PRO A 536 6.14 21.56 -0.96
CA PRO A 536 4.84 21.14 -0.45
C PRO A 536 4.54 21.68 0.95
N TRP A 537 3.39 21.30 1.49
CA TRP A 537 2.90 21.83 2.75
C TRP A 537 3.83 21.55 3.93
N ARG A 538 4.38 20.34 3.97
CA ARG A 538 5.25 19.94 5.07
C ARG A 538 6.64 20.53 4.93
N ASP A 539 7.16 20.51 3.71
CA ASP A 539 8.51 20.99 3.44
C ASP A 539 8.56 22.51 3.39
N GLU B 23 1.36 -1.55 22.01
CA GLU B 23 1.87 -2.22 20.82
C GLU B 23 1.23 -3.58 20.62
N ASN B 24 1.36 -4.13 19.43
CA ASN B 24 0.78 -5.43 19.12
C ASN B 24 1.81 -6.53 19.37
N VAL B 25 1.62 -7.28 20.44
CA VAL B 25 2.59 -8.27 20.86
C VAL B 25 2.30 -9.63 20.22
N LEU B 26 3.31 -10.19 19.57
CA LEU B 26 3.16 -11.49 18.94
C LEU B 26 3.90 -12.54 19.76
N THR B 27 3.17 -13.57 20.19
CA THR B 27 3.76 -14.64 20.98
C THR B 27 3.84 -15.92 20.17
N GLN B 28 4.99 -16.57 20.19
CA GLN B 28 5.17 -17.81 19.45
C GLN B 28 5.37 -19.01 20.37
N SER B 29 4.82 -20.14 19.95
CA SER B 29 5.00 -21.39 20.69
C SER B 29 5.17 -22.55 19.72
N PRO B 30 5.99 -23.54 20.10
CA PRO B 30 6.78 -23.58 21.34
C PRO B 30 8.00 -22.67 21.29
N ALA B 31 8.56 -22.35 22.45
CA ALA B 31 9.77 -21.57 22.52
C ALA B 31 10.93 -22.35 21.90
N ILE B 32 11.04 -23.62 22.28
CA ILE B 32 12.04 -24.50 21.71
C ILE B 32 11.35 -25.77 21.24
N MET B 33 11.79 -26.26 20.10
CA MET B 33 11.16 -27.41 19.48
C MET B 33 12.22 -28.33 18.90
N SER B 34 12.17 -29.60 19.25
CA SER B 34 13.13 -30.56 18.71
C SER B 34 12.44 -31.52 17.77
N THR B 35 13.06 -31.77 16.62
CA THR B 35 12.48 -32.68 15.63
C THR B 35 13.51 -33.49 14.87
N SER B 36 13.22 -34.77 14.65
CA SER B 36 14.05 -35.63 13.82
C SER B 36 13.84 -35.30 12.36
N PRO B 37 14.93 -35.31 11.56
CA PRO B 37 14.83 -35.00 10.13
C PRO B 37 13.75 -35.80 9.41
N GLY B 38 12.90 -35.11 8.66
CA GLY B 38 11.85 -35.74 7.89
C GLY B 38 10.45 -35.61 8.49
N GLU B 39 10.37 -35.42 9.80
CA GLU B 39 9.06 -35.24 10.44
C GLU B 39 8.50 -33.87 10.14
N LYS B 40 7.18 -33.73 10.28
CA LYS B 40 6.55 -32.44 10.07
C LYS B 40 6.61 -31.63 11.36
N VAL B 41 6.89 -30.34 11.24
CA VAL B 41 6.80 -29.45 12.39
C VAL B 41 5.84 -28.31 12.11
N THR B 42 5.15 -27.87 13.16
CA THR B 42 4.29 -26.72 13.05
C THR B 42 4.54 -25.84 14.25
N MET B 43 4.79 -24.56 13.98
CA MET B 43 4.93 -23.58 15.04
C MET B 43 3.83 -22.55 14.85
N THR B 44 3.42 -21.91 15.95
CA THR B 44 2.29 -20.99 15.92
C THR B 44 2.73 -19.57 16.29
N CYS B 45 2.00 -18.58 15.78
CA CYS B 45 2.25 -17.16 16.09
C CYS B 45 0.93 -16.47 16.45
N ARG B 46 0.80 -16.01 17.69
CA ARG B 46 -0.45 -15.41 18.14
C ARG B 46 -0.30 -13.93 18.45
N ALA B 47 -1.19 -13.12 17.89
CA ALA B 47 -1.16 -11.67 18.05
C ALA B 47 -2.20 -11.19 19.06
N SER B 48 -1.87 -10.17 19.83
CA SER B 48 -2.80 -9.59 20.78
C SER B 48 -3.93 -8.85 20.06
N SER B 49 -3.58 -8.23 18.93
CA SER B 49 -4.56 -7.57 18.08
C SER B 49 -4.57 -8.22 16.71
N SER B 50 -5.71 -8.16 16.02
CA SER B 50 -5.82 -8.78 14.71
C SER B 50 -4.83 -8.18 13.71
N VAL B 51 -4.18 -9.07 12.97
CA VAL B 51 -3.22 -8.68 11.95
C VAL B 51 -3.74 -9.08 10.58
N GLY B 52 -3.73 -8.12 9.65
CA GLY B 52 -4.13 -8.42 8.27
C GLY B 52 -3.28 -9.55 7.74
N SER B 53 -3.93 -10.48 7.04
CA SER B 53 -3.23 -11.65 6.49
C SER B 53 -2.12 -11.23 5.54
N SER B 54 -2.29 -10.07 4.92
CA SER B 54 -1.30 -9.56 3.98
C SER B 54 -0.07 -8.99 4.68
N TYR B 55 -0.23 -8.58 5.93
CA TYR B 55 0.82 -7.87 6.66
C TYR B 55 1.67 -8.73 7.59
N LEU B 56 1.42 -10.04 7.63
CA LEU B 56 2.17 -10.90 8.54
C LEU B 56 3.24 -11.72 7.82
N HIS B 57 4.45 -11.70 8.37
CA HIS B 57 5.60 -12.33 7.72
C HIS B 57 6.39 -13.21 8.69
N TRP B 58 7.25 -14.05 8.13
CA TRP B 58 8.08 -14.97 8.91
C TRP B 58 9.54 -14.85 8.53
N TYR B 59 10.41 -14.92 9.53
CA TYR B 59 11.85 -14.86 9.28
C TYR B 59 12.56 -16.05 9.90
N GLN B 60 13.60 -16.51 9.22
CA GLN B 60 14.45 -17.58 9.74
C GLN B 60 15.82 -17.01 10.09
N GLN B 61 16.26 -17.26 11.30
CA GLN B 61 17.60 -16.83 11.70
C GLN B 61 18.42 -18.01 12.19
N LYS B 62 19.46 -18.35 11.43
CA LYS B 62 20.38 -19.42 11.81
C LYS B 62 21.32 -18.91 12.90
N SER B 63 21.92 -19.83 13.65
CA SER B 63 22.86 -19.47 14.72
C SER B 63 24.01 -18.60 14.20
N GLY B 64 24.21 -17.46 14.84
CA GLY B 64 25.31 -16.57 14.51
C GLY B 64 25.17 -15.87 13.17
N ALA B 65 23.94 -15.84 12.65
CA ALA B 65 23.69 -15.25 11.34
C ALA B 65 22.57 -14.21 11.40
N SER B 66 22.50 -13.38 10.36
CA SER B 66 21.42 -12.40 10.22
C SER B 66 20.09 -13.12 9.95
N PRO B 67 18.98 -12.48 10.32
CA PRO B 67 17.67 -13.04 9.94
C PRO B 67 17.48 -12.96 8.43
N LYS B 68 16.71 -13.90 7.87
CA LYS B 68 16.38 -13.89 6.46
C LYS B 68 14.86 -13.94 6.27
N LEU B 69 14.35 -13.12 5.36
CA LEU B 69 12.94 -13.19 5.01
C LEU B 69 12.60 -14.58 4.49
N TRP B 70 11.59 -15.20 5.08
CA TRP B 70 11.27 -16.60 4.79
C TRP B 70 9.89 -16.72 4.17
N ILE B 71 8.86 -16.33 4.92
CA ILE B 71 7.50 -16.32 4.40
C ILE B 71 6.89 -14.93 4.54
N TYR B 72 6.36 -14.39 3.45
CA TYR B 72 5.74 -13.06 3.50
C TYR B 72 4.27 -13.14 3.15
N SER B 73 3.47 -12.24 3.72
CA SER B 73 2.04 -12.18 3.40
C SER B 73 1.37 -13.52 3.71
N THR B 74 1.96 -14.19 4.71
CA THR B 74 1.44 -15.38 5.41
C THR B 74 1.51 -16.75 4.72
N SER B 75 1.30 -16.83 3.40
CA SER B 75 1.52 -18.10 2.70
C SER B 75 2.69 -18.13 1.71
N ASN B 76 3.29 -16.97 1.45
CA ASN B 76 4.16 -16.84 0.29
C ASN B 76 5.63 -17.03 0.63
N LEU B 77 6.24 -18.06 0.05
CA LEU B 77 7.65 -18.34 0.28
C LEU B 77 8.54 -17.30 -0.38
N ALA B 78 9.65 -16.97 0.27
CA ALA B 78 10.61 -16.03 -0.29
C ALA B 78 11.57 -16.74 -1.23
N SER B 79 12.46 -15.98 -1.86
CA SER B 79 13.35 -16.53 -2.87
C SER B 79 14.38 -17.45 -2.24
N GLY B 80 14.50 -18.66 -2.80
CA GLY B 80 15.46 -19.63 -2.30
C GLY B 80 14.85 -20.60 -1.32
N VAL B 81 13.71 -20.23 -0.75
CA VAL B 81 13.03 -21.04 0.25
C VAL B 81 12.38 -22.28 -0.36
N PRO B 82 12.78 -23.47 0.11
CA PRO B 82 12.29 -24.75 -0.41
C PRO B 82 10.79 -24.91 -0.22
N ALA B 83 10.18 -25.77 -1.03
CA ALA B 83 8.74 -25.93 -1.03
C ALA B 83 8.24 -26.59 0.26
N ARG B 84 9.16 -27.18 1.02
CA ARG B 84 8.81 -27.89 2.24
C ARG B 84 8.20 -26.96 3.28
N PHE B 85 8.44 -25.67 3.13
CA PHE B 85 7.87 -24.66 4.03
C PHE B 85 6.50 -24.19 3.55
N SER B 86 5.58 -24.01 4.48
CA SER B 86 4.27 -23.45 4.15
C SER B 86 3.73 -22.63 5.32
N GLY B 87 3.12 -21.49 5.00
CA GLY B 87 2.42 -20.72 6.01
C GLY B 87 0.92 -20.83 5.89
N SER B 88 0.21 -20.39 6.92
CA SER B 88 -1.24 -20.39 6.91
C SER B 88 -1.79 -19.53 8.03
N GLY B 89 -3.11 -19.40 8.09
CA GLY B 89 -3.74 -18.68 9.17
C GLY B 89 -4.21 -17.30 8.80
N SER B 90 -4.91 -16.67 9.74
CA SER B 90 -5.41 -15.31 9.56
C SER B 90 -5.79 -14.75 10.92
N GLY B 91 -6.21 -13.49 10.95
CA GLY B 91 -6.62 -12.86 12.19
C GLY B 91 -5.50 -12.80 13.21
N THR B 92 -5.74 -13.37 14.38
CA THR B 92 -4.75 -13.38 15.45
C THR B 92 -3.94 -14.68 15.52
N SER B 93 -4.25 -15.63 14.64
CA SER B 93 -3.59 -16.94 14.69
C SER B 93 -2.94 -17.32 13.36
N TYR B 94 -1.63 -17.48 13.39
CA TYR B 94 -0.85 -17.87 12.21
C TYR B 94 0.07 -19.04 12.54
N SER B 95 0.50 -19.75 11.50
CA SER B 95 1.37 -20.91 11.71
C SER B 95 2.33 -21.14 10.56
N LEU B 96 3.53 -21.59 10.91
CA LEU B 96 4.52 -22.02 9.94
C LEU B 96 4.67 -23.53 10.03
N THR B 97 4.69 -24.20 8.88
CA THR B 97 4.76 -25.65 8.86
C THR B 97 5.81 -26.16 7.88
N ILE B 98 6.72 -26.99 8.38
CA ILE B 98 7.70 -27.65 7.52
C ILE B 98 7.27 -29.09 7.27
N SER B 99 6.89 -29.39 6.03
CA SER B 99 6.33 -30.69 5.68
C SER B 99 7.30 -31.82 6.00
N SER B 100 8.52 -31.71 5.51
CA SER B 100 9.58 -32.64 5.86
C SER B 100 10.87 -31.91 6.24
N VAL B 101 11.26 -32.00 7.51
CA VAL B 101 12.34 -31.20 8.04
C VAL B 101 13.71 -31.78 7.68
N GLU B 102 14.67 -30.89 7.42
CA GLU B 102 16.05 -31.30 7.20
C GLU B 102 16.94 -30.65 8.25
N ALA B 103 18.11 -31.24 8.49
CA ALA B 103 19.04 -30.69 9.47
C ALA B 103 19.42 -29.27 9.07
N GLU B 104 19.33 -29.02 7.77
CA GLU B 104 19.54 -27.70 7.20
C GLU B 104 18.56 -26.68 7.78
N ASP B 105 17.41 -27.15 8.25
CA ASP B 105 16.33 -26.27 8.69
C ASP B 105 16.39 -25.90 10.15
N ALA B 106 17.43 -26.32 10.86
CA ALA B 106 17.51 -25.99 12.27
C ALA B 106 17.88 -24.52 12.38
N ALA B 107 16.98 -23.76 13.01
CA ALA B 107 17.15 -22.31 13.16
C ALA B 107 16.12 -21.77 14.13
N THR B 108 16.13 -20.46 14.33
CA THR B 108 15.07 -19.81 15.10
C THR B 108 14.18 -19.01 14.18
N TYR B 109 12.88 -19.25 14.26
CA TYR B 109 11.91 -18.62 13.37
C TYR B 109 11.10 -17.53 14.07
N TYR B 110 11.19 -16.30 13.56
CA TYR B 110 10.42 -15.19 14.10
C TYR B 110 9.30 -14.80 13.13
N CYS B 111 8.08 -14.65 13.65
CA CYS B 111 7.03 -14.02 12.86
C CYS B 111 7.10 -12.52 13.05
N GLN B 112 6.29 -11.79 12.30
CA GLN B 112 6.28 -10.33 12.39
C GLN B 112 4.99 -9.76 11.82
N GLN B 113 4.62 -8.56 12.26
CA GLN B 113 3.44 -7.89 11.70
C GLN B 113 3.80 -6.49 11.21
N PHE B 114 3.44 -6.19 9.97
CA PHE B 114 3.55 -4.83 9.45
C PHE B 114 2.25 -4.04 9.42
N SER B 115 1.18 -4.61 9.94
CA SER B 115 -0.13 -3.96 9.86
C SER B 115 -0.10 -2.56 10.47
N GLY B 116 0.63 -2.41 11.57
CA GLY B 116 0.68 -1.14 12.26
C GLY B 116 1.96 -0.91 13.03
N TYR B 117 2.05 0.28 13.63
CA TYR B 117 3.26 0.68 14.33
C TYR B 117 2.98 0.79 15.82
N PRO B 118 3.97 0.45 16.66
CA PRO B 118 5.30 -0.01 16.26
C PRO B 118 5.29 -1.42 15.68
N LEU B 119 6.12 -1.65 14.65
CA LEU B 119 6.27 -2.97 14.07
C LEU B 119 6.83 -3.92 15.11
N THR B 120 6.26 -5.11 15.19
CA THR B 120 6.67 -6.04 16.24
C THR B 120 6.99 -7.41 15.69
N PHE B 121 7.94 -8.06 16.35
CA PHE B 121 8.35 -9.41 15.99
C PHE B 121 7.85 -10.39 17.03
N GLY B 122 7.53 -11.61 16.60
CA GLY B 122 7.14 -12.65 17.52
C GLY B 122 8.30 -13.02 18.43
N SER B 123 8.00 -13.72 19.51
CA SER B 123 9.00 -14.12 20.49
C SER B 123 9.97 -15.15 19.90
N GLY B 124 9.54 -15.82 18.84
CA GLY B 124 10.40 -16.75 18.13
C GLY B 124 10.33 -18.21 18.56
N THR B 125 10.53 -19.10 17.59
CA THR B 125 10.56 -20.54 17.82
C THR B 125 11.92 -21.13 17.44
N LYS B 126 12.60 -21.76 18.39
CA LYS B 126 13.89 -22.37 18.11
C LYS B 126 13.67 -23.82 17.70
N LEU B 127 13.96 -24.11 16.45
CA LEU B 127 13.85 -25.46 15.93
C LEU B 127 15.21 -26.12 15.95
N GLU B 128 15.34 -27.16 16.76
CA GLU B 128 16.60 -27.89 16.84
C GLU B 128 16.40 -29.32 16.38
N MET B 129 17.48 -29.93 15.90
CA MET B 129 17.41 -31.28 15.38
C MET B 129 17.46 -32.31 16.49
N LYS B 130 16.57 -33.29 16.40
CA LYS B 130 16.57 -34.39 17.32
C LYS B 130 17.49 -35.49 16.78
N ARG B 131 18.31 -36.05 17.66
CA ARG B 131 19.19 -37.14 17.27
C ARG B 131 19.26 -38.19 18.38
N ALA B 132 20.07 -39.23 18.14
CA ALA B 132 20.24 -40.30 19.12
C ALA B 132 21.01 -39.81 20.33
N ASP B 133 20.66 -40.30 21.51
CA ASP B 133 21.31 -39.87 22.73
C ASP B 133 22.81 -40.16 22.69
N ALA B 134 23.61 -39.20 23.13
CA ALA B 134 25.05 -39.35 23.21
C ALA B 134 25.55 -38.88 24.57
N ALA B 135 26.39 -39.67 25.20
CA ALA B 135 26.97 -39.29 26.48
C ALA B 135 28.09 -38.29 26.27
N PRO B 136 28.21 -37.31 27.18
CA PRO B 136 29.24 -36.27 27.06
C PRO B 136 30.63 -36.82 27.35
N THR B 137 31.63 -36.33 26.65
CA THR B 137 33.00 -36.66 26.98
C THR B 137 33.53 -35.60 27.93
N VAL B 138 33.76 -36.00 29.17
CA VAL B 138 34.14 -35.07 30.23
C VAL B 138 35.66 -34.93 30.37
N SER B 139 36.13 -33.69 30.38
CA SER B 139 37.55 -33.41 30.50
C SER B 139 37.81 -32.35 31.56
N ILE B 140 38.54 -32.71 32.62
CA ILE B 140 38.80 -31.75 33.70
C ILE B 140 40.22 -31.19 33.61
N PHE B 141 40.33 -29.87 33.68
CA PHE B 141 41.62 -29.18 33.54
C PHE B 141 42.02 -28.39 34.77
N PRO B 142 43.14 -28.76 35.41
CA PRO B 142 43.65 -28.06 36.58
C PRO B 142 44.09 -26.64 36.23
N PRO B 143 44.06 -25.72 37.21
CA PRO B 143 44.48 -24.33 37.01
C PRO B 143 45.89 -24.23 36.45
N SER B 144 46.05 -23.42 35.41
CA SER B 144 47.35 -23.22 34.79
C SER B 144 48.31 -22.52 35.75
N SER B 145 49.61 -22.70 35.52
CA SER B 145 50.62 -22.10 36.38
C SER B 145 50.66 -20.59 36.17
N GLU B 146 50.17 -20.15 35.00
CA GLU B 146 50.15 -18.74 34.65
C GLU B 146 49.12 -17.97 35.45
N GLN B 147 47.99 -18.62 35.73
CA GLN B 147 46.93 -18.01 36.51
C GLN B 147 47.28 -18.00 37.99
N LEU B 148 47.91 -19.09 38.44
CA LEU B 148 48.26 -19.27 39.84
C LEU B 148 49.19 -18.18 40.37
N THR B 149 50.06 -17.66 39.51
CA THR B 149 50.97 -16.59 39.88
C THR B 149 50.27 -15.22 39.85
N SER B 150 49.16 -15.16 39.12
CA SER B 150 48.34 -13.95 39.07
C SER B 150 47.49 -13.81 40.33
N GLY B 151 47.40 -14.89 41.10
CA GLY B 151 46.67 -14.90 42.36
C GLY B 151 45.35 -15.65 42.29
N GLY B 152 44.81 -15.83 41.10
CA GLY B 152 43.59 -16.59 40.92
C GLY B 152 43.83 -18.03 40.48
N ALA B 153 42.85 -18.89 40.71
CA ALA B 153 42.90 -20.25 40.19
C ALA B 153 41.52 -20.73 39.76
N SER B 154 41.41 -21.21 38.53
CA SER B 154 40.13 -21.68 38.03
C SER B 154 40.23 -23.05 37.38
N VAL B 155 39.34 -23.94 37.80
CA VAL B 155 39.29 -25.30 37.25
C VAL B 155 38.24 -25.39 36.17
N VAL B 156 38.63 -25.85 34.99
CA VAL B 156 37.70 -25.88 33.85
C VAL B 156 37.27 -27.31 33.52
N CYS B 157 35.97 -27.49 33.29
CA CYS B 157 35.45 -28.78 32.89
C CYS B 157 34.72 -28.67 31.55
N PHE B 158 35.05 -29.59 30.64
CA PHE B 158 34.44 -29.60 29.32
C PHE B 158 33.56 -30.83 29.14
N LEU B 159 32.30 -30.62 28.81
CA LEU B 159 31.40 -31.71 28.48
C LEU B 159 30.99 -31.59 27.02
N ASN B 160 31.52 -32.46 26.17
CA ASN B 160 31.38 -32.26 24.73
C ASN B 160 30.54 -33.29 24.00
N ASN B 161 29.85 -32.83 22.95
CA ASN B 161 29.11 -33.68 22.02
C ASN B 161 28.13 -34.64 22.69
N PHE B 162 27.06 -34.10 23.26
CA PHE B 162 26.05 -34.91 23.92
C PHE B 162 24.64 -34.51 23.51
N TYR B 163 23.70 -35.44 23.66
CA TYR B 163 22.29 -35.16 23.42
C TYR B 163 21.46 -35.91 24.44
N PRO B 164 20.35 -35.32 24.92
CA PRO B 164 19.84 -33.96 24.63
C PRO B 164 20.60 -32.86 25.37
N LYS B 165 20.14 -31.63 25.21
CA LYS B 165 20.91 -30.47 25.67
C LYS B 165 21.02 -30.39 27.18
N ASP B 166 20.02 -30.88 27.89
CA ASP B 166 20.04 -30.75 29.34
C ASP B 166 21.13 -31.61 29.97
N ILE B 167 22.01 -30.96 30.72
CA ILE B 167 23.09 -31.64 31.42
C ILE B 167 23.42 -30.88 32.69
N ASN B 168 23.85 -31.61 33.71
CA ASN B 168 24.04 -30.98 35.02
C ASN B 168 25.41 -31.26 35.62
N VAL B 169 26.16 -30.19 35.81
CA VAL B 169 27.50 -30.32 36.35
C VAL B 169 27.47 -30.12 37.86
N LYS B 170 28.31 -30.87 38.55
CA LYS B 170 28.47 -30.70 39.99
C LYS B 170 29.96 -30.70 40.32
N TRP B 171 30.41 -29.66 41.01
CA TRP B 171 31.81 -29.54 41.40
C TRP B 171 32.04 -30.02 42.83
N LYS B 172 33.07 -30.84 43.00
CA LYS B 172 33.42 -31.33 44.32
C LYS B 172 34.89 -31.06 44.65
N ILE B 173 35.18 -30.30 45.68
CA ILE B 173 36.56 -30.18 46.07
C ILE B 173 36.76 -31.03 47.28
N ASP B 174 37.62 -32.02 47.16
CA ASP B 174 37.85 -32.96 48.26
C ASP B 174 36.56 -33.64 48.69
N GLY B 175 35.72 -33.98 47.72
CA GLY B 175 34.61 -34.88 47.94
C GLY B 175 33.38 -34.22 48.49
N SER B 176 33.51 -32.96 48.84
CA SER B 176 32.40 -32.12 49.25
C SER B 176 31.98 -31.20 48.10
N GLU B 177 30.67 -31.13 47.86
CA GLU B 177 30.14 -30.37 46.75
C GLU B 177 30.33 -28.86 46.95
N ARG B 178 30.93 -28.20 45.96
CA ARG B 178 31.00 -26.75 45.96
C ARG B 178 30.08 -26.19 44.88
N GLN B 179 29.29 -25.17 45.25
CA GLN B 179 28.22 -24.67 44.40
C GLN B 179 28.55 -23.31 43.77
N ASN B 180 28.75 -22.31 44.60
CA ASN B 180 29.01 -20.95 44.12
C ASN B 180 30.32 -20.80 43.34
N GLY B 181 30.39 -19.77 42.52
CA GLY B 181 31.59 -19.44 41.75
C GLY B 181 31.82 -20.26 40.50
N VAL B 182 30.72 -20.63 39.82
CA VAL B 182 30.80 -21.47 38.63
C VAL B 182 30.23 -20.77 37.40
N LEU B 183 31.02 -20.76 36.32
CA LEU B 183 30.56 -20.21 35.05
C LEU B 183 30.25 -21.32 34.07
N ASN B 184 28.97 -21.51 33.77
CA ASN B 184 28.54 -22.50 32.80
C ASN B 184 28.29 -21.86 31.45
N SER B 185 28.71 -22.54 30.38
CA SER B 185 28.46 -22.05 29.03
C SER B 185 28.05 -23.20 28.13
N TRP B 186 27.05 -22.95 27.29
CA TRP B 186 26.55 -23.96 26.38
C TRP B 186 26.71 -23.51 24.94
N THR B 187 27.19 -24.38 24.07
CA THR B 187 27.23 -24.09 22.65
C THR B 187 25.82 -24.23 22.05
N ASP B 188 25.59 -23.56 20.93
CA ASP B 188 24.37 -23.79 20.18
C ASP B 188 24.43 -25.19 19.59
N GLN B 189 23.29 -25.76 19.23
CA GLN B 189 23.29 -27.12 18.70
C GLN B 189 24.22 -27.19 17.50
N ASP B 190 25.15 -28.13 17.57
CA ASP B 190 26.16 -28.27 16.54
C ASP B 190 25.56 -28.65 15.19
N SER B 191 26.13 -28.13 14.12
CA SER B 191 25.61 -28.37 12.78
C SER B 191 26.01 -29.75 12.23
N LYS B 192 27.19 -30.25 12.61
CA LYS B 192 27.65 -31.52 12.05
C LYS B 192 26.90 -32.71 12.69
N ASP B 193 27.15 -32.99 13.98
CA ASP B 193 26.57 -34.17 14.62
C ASP B 193 25.29 -33.88 15.40
N SER B 194 24.83 -32.63 15.35
CA SER B 194 23.59 -32.22 16.02
C SER B 194 23.63 -32.42 17.54
N THR B 195 24.82 -32.31 18.12
CA THR B 195 24.97 -32.45 19.57
C THR B 195 25.19 -31.11 20.26
N TYR B 196 25.33 -31.17 21.59
CA TYR B 196 25.57 -29.97 22.39
C TYR B 196 26.85 -30.12 23.20
N SER B 197 27.40 -28.99 23.65
CA SER B 197 28.60 -29.02 24.47
C SER B 197 28.50 -27.99 25.59
N MET B 198 29.21 -28.25 26.68
CA MET B 198 29.16 -27.38 27.85
C MET B 198 30.53 -27.14 28.47
N SER B 199 30.77 -25.91 28.91
CA SER B 199 31.98 -25.55 29.62
C SER B 199 31.65 -25.02 31.01
N SER B 200 32.08 -25.74 32.03
CA SER B 200 31.86 -25.31 33.41
C SER B 200 33.17 -24.90 34.05
N THR B 201 33.24 -23.66 34.52
CA THR B 201 34.48 -23.16 35.11
C THR B 201 34.29 -22.77 36.57
N LEU B 202 34.93 -23.52 37.46
CA LEU B 202 34.91 -23.24 38.88
C LEU B 202 36.10 -22.33 39.22
N THR B 203 35.81 -21.15 39.74
CA THR B 203 36.85 -20.14 39.93
C THR B 203 37.14 -19.87 41.40
N LEU B 204 38.41 -20.02 41.76
CA LEU B 204 38.89 -19.75 43.11
C LEU B 204 40.09 -18.82 43.01
N THR B 205 40.77 -18.56 44.12
CA THR B 205 42.05 -17.86 44.08
C THR B 205 43.16 -18.88 44.28
N LYS B 206 44.40 -18.42 44.23
CA LYS B 206 45.55 -19.32 44.40
C LYS B 206 45.55 -19.93 45.79
N ASP B 207 44.92 -19.25 46.74
CA ASP B 207 44.89 -19.70 48.12
C ASP B 207 43.95 -20.88 48.31
N GLU B 208 42.66 -20.66 48.05
CA GLU B 208 41.65 -21.72 48.22
C GLU B 208 41.98 -22.94 47.39
N TYR B 209 42.67 -22.74 46.26
CA TYR B 209 43.05 -23.87 45.41
C TYR B 209 44.19 -24.67 46.02
N GLU B 210 45.24 -23.99 46.46
CA GLU B 210 46.39 -24.67 47.03
C GLU B 210 46.07 -25.21 48.42
N ARG B 211 44.99 -24.71 49.00
CA ARG B 211 44.52 -25.20 50.30
C ARG B 211 43.95 -26.61 50.18
N HIS B 212 43.64 -27.03 48.97
CA HIS B 212 43.09 -28.35 48.71
C HIS B 212 43.96 -29.14 47.75
N ASN B 213 43.60 -30.38 47.47
CA ASN B 213 44.34 -31.19 46.50
C ASN B 213 43.45 -31.82 45.43
N SER B 214 42.46 -32.61 45.86
CA SER B 214 41.61 -33.34 44.92
C SER B 214 40.42 -32.50 44.47
N TYR B 215 40.27 -32.39 43.15
CA TYR B 215 39.14 -31.68 42.55
C TYR B 215 38.38 -32.60 41.62
N THR B 216 37.05 -32.53 41.71
CA THR B 216 36.20 -33.45 40.98
C THR B 216 35.15 -32.71 40.16
N CYS B 217 35.12 -33.00 38.87
CA CYS B 217 34.05 -32.52 38.00
C CYS B 217 33.12 -33.67 37.64
N GLU B 218 31.87 -33.60 38.09
CA GLU B 218 30.94 -34.67 37.79
C GLU B 218 29.76 -34.13 36.97
N ALA B 219 29.36 -34.89 35.96
CA ALA B 219 28.29 -34.46 35.07
C ALA B 219 27.14 -35.46 35.08
N THR B 220 26.00 -35.03 35.64
CA THR B 220 24.81 -35.86 35.62
C THR B 220 24.05 -35.60 34.31
N HIS B 221 23.90 -36.66 33.51
CA HIS B 221 23.22 -36.54 32.22
C HIS B 221 22.23 -37.69 32.02
N LYS B 222 21.29 -37.48 31.10
CA LYS B 222 20.24 -38.44 30.77
C LYS B 222 20.79 -39.82 30.43
N THR B 223 21.90 -39.83 29.71
CA THR B 223 22.48 -41.05 29.16
C THR B 223 22.89 -42.10 30.19
N SER B 224 23.17 -41.67 31.42
CA SER B 224 23.65 -42.60 32.43
C SER B 224 22.99 -42.44 33.79
N THR B 225 22.76 -43.58 34.45
CA THR B 225 22.23 -43.61 35.81
C THR B 225 23.23 -42.95 36.74
N SER B 226 24.49 -43.34 36.57
CA SER B 226 25.60 -42.79 37.32
C SER B 226 26.20 -41.58 36.61
N PRO B 227 26.59 -40.56 37.37
CA PRO B 227 27.26 -39.38 36.78
C PRO B 227 28.66 -39.73 36.27
N ILE B 228 29.04 -39.16 35.14
CA ILE B 228 30.40 -39.33 34.62
C ILE B 228 31.38 -38.46 35.39
N VAL B 229 32.39 -39.09 35.98
CA VAL B 229 33.29 -38.38 36.88
C VAL B 229 34.70 -38.27 36.33
N LYS B 230 35.26 -37.08 36.43
CA LYS B 230 36.67 -36.83 36.09
C LYS B 230 37.31 -36.00 37.18
N SER B 231 38.43 -36.49 37.72
CA SER B 231 39.09 -35.82 38.83
C SER B 231 40.59 -35.68 38.60
N PHE B 232 41.22 -34.85 39.43
CA PHE B 232 42.66 -34.74 39.45
C PHE B 232 43.12 -34.37 40.85
N ASN B 233 44.40 -34.56 41.11
CA ASN B 233 44.97 -34.20 42.39
C ASN B 233 46.19 -33.29 42.20
N ARG B 234 46.39 -32.36 43.12
CA ARG B 234 47.48 -31.40 43.00
C ARG B 234 48.84 -32.03 43.25
N ASN B 235 48.85 -33.19 43.90
CA ASN B 235 50.09 -33.93 44.12
C ASN B 235 50.59 -34.58 42.82
N GLU B 236 49.65 -34.94 41.95
CA GLU B 236 49.98 -35.58 40.68
C GLU B 236 50.33 -34.55 39.61
N GLU C 20 25.08 -9.17 -5.07
CA GLU C 20 23.84 -8.45 -5.36
C GLU C 20 23.58 -7.35 -4.33
N VAL C 21 22.46 -7.48 -3.62
CA VAL C 21 22.13 -6.51 -2.58
C VAL C 21 22.99 -6.74 -1.35
N GLN C 22 23.68 -5.70 -0.91
CA GLN C 22 24.50 -5.78 0.29
C GLN C 22 24.15 -4.64 1.24
N LEU C 23 23.99 -5.00 2.51
CA LEU C 23 23.78 -4.00 3.55
C LEU C 23 24.86 -4.19 4.60
N VAL C 24 25.65 -3.14 4.82
CA VAL C 24 26.73 -3.24 5.79
C VAL C 24 26.59 -2.23 6.91
N GLU C 25 26.33 -2.74 8.11
CA GLU C 25 26.25 -1.89 9.29
C GLU C 25 27.64 -1.57 9.80
N SER C 26 27.85 -0.31 10.18
CA SER C 26 29.13 0.12 10.71
C SER C 26 28.90 0.94 11.96
N GLY C 27 29.98 1.20 12.70
CA GLY C 27 29.89 1.90 13.96
C GLY C 27 29.52 0.91 15.05
N GLY C 28 29.17 1.42 16.23
CA GLY C 28 28.77 0.54 17.31
C GLY C 28 29.98 0.07 18.11
N GLY C 29 29.76 -0.18 19.39
CA GLY C 29 30.83 -0.51 20.30
C GLY C 29 30.43 -0.18 21.72
N LEU C 30 31.40 0.07 22.58
CA LEU C 30 31.11 0.41 23.96
C LEU C 30 30.77 1.89 24.10
N VAL C 31 29.72 2.19 24.84
CA VAL C 31 29.31 3.57 25.10
C VAL C 31 28.84 3.72 26.53
N LYS C 32 29.36 4.73 27.23
CA LYS C 32 28.89 5.02 28.58
C LYS C 32 27.39 5.28 28.55
N PRO C 33 26.66 4.78 29.55
CA PRO C 33 25.22 5.05 29.63
C PRO C 33 24.95 6.56 29.66
N GLY C 34 23.92 6.99 28.94
CA GLY C 34 23.64 8.40 28.77
C GLY C 34 24.44 8.97 27.62
N GLY C 35 25.40 8.20 27.14
CA GLY C 35 26.24 8.62 26.03
C GLY C 35 25.49 8.58 24.71
N SER C 36 26.16 8.99 23.65
CA SER C 36 25.55 9.03 22.33
C SER C 36 26.44 8.38 21.27
N LEU C 37 25.84 7.72 20.30
CA LEU C 37 26.57 7.05 19.23
C LEU C 37 25.74 6.99 17.96
N LYS C 38 26.39 7.00 16.81
CA LYS C 38 25.71 7.04 15.52
C LYS C 38 26.05 5.84 14.63
N LEU C 39 25.02 5.08 14.26
CA LEU C 39 25.20 3.90 13.42
C LEU C 39 24.93 4.20 11.95
N SER C 40 25.70 3.56 11.08
CA SER C 40 25.56 3.79 9.66
C SER C 40 25.38 2.47 8.94
N CYS C 41 24.67 2.51 7.81
CA CYS C 41 24.49 1.33 7.00
C CYS C 41 24.82 1.64 5.56
N ALA C 42 25.75 0.87 5.00
CA ALA C 42 26.16 1.06 3.62
C ALA C 42 25.32 0.17 2.72
N ALA C 43 24.47 0.78 1.91
CA ALA C 43 23.59 0.06 1.01
C ALA C 43 24.18 0.02 -0.39
N SER C 44 24.16 -1.15 -1.00
CA SER C 44 24.70 -1.31 -2.35
C SER C 44 24.01 -2.45 -3.09
N GLY C 45 23.88 -2.30 -4.41
CA GLY C 45 23.33 -3.36 -5.23
C GLY C 45 21.85 -3.16 -5.53
N PHE C 46 21.33 -2.01 -5.13
CA PHE C 46 19.95 -1.65 -5.43
C PHE C 46 19.81 -0.13 -5.38
N THR C 47 18.72 0.41 -5.93
CA THR C 47 18.53 1.84 -5.84
C THR C 47 18.06 2.10 -4.42
N PHE C 48 18.88 2.83 -3.69
CA PHE C 48 18.67 3.01 -2.26
C PHE C 48 17.50 3.95 -2.02
N SER C 49 17.37 4.94 -2.90
CA SER C 49 16.31 5.94 -2.79
C SER C 49 14.94 5.35 -3.05
N SER C 50 14.90 4.13 -3.56
CA SER C 50 13.65 3.48 -3.96
C SER C 50 13.01 2.65 -2.85
N TYR C 51 13.75 2.42 -1.77
CA TYR C 51 13.28 1.52 -0.72
C TYR C 51 13.27 2.16 0.66
N ALA C 52 12.27 1.83 1.45
CA ALA C 52 12.23 2.27 2.84
C ALA C 52 13.19 1.40 3.65
N MET C 53 13.83 2.00 4.64
CA MET C 53 14.78 1.28 5.46
C MET C 53 14.35 1.28 6.92
N SER C 54 14.71 0.23 7.65
CA SER C 54 14.41 0.19 9.06
C SER C 54 15.58 -0.35 9.87
N TRP C 55 15.60 0.01 11.14
CA TRP C 55 16.54 -0.59 12.07
C TRP C 55 15.80 -1.58 12.96
N VAL C 56 16.23 -2.83 12.91
CA VAL C 56 15.74 -3.86 13.81
C VAL C 56 16.90 -4.29 14.71
N ARG C 57 16.74 -4.16 16.02
CA ARG C 57 17.82 -4.57 16.92
C ARG C 57 17.49 -5.89 17.59
N GLN C 58 18.54 -6.65 17.90
CA GLN C 58 18.39 -7.93 18.60
C GLN C 58 19.16 -7.91 19.91
N SER C 59 18.43 -7.99 21.02
CA SER C 59 19.02 -7.96 22.35
C SER C 59 19.89 -9.20 22.57
N PRO C 60 20.76 -9.17 23.59
CA PRO C 60 21.52 -10.37 23.94
C PRO C 60 20.62 -11.55 24.31
N GLU C 61 19.35 -11.27 24.57
CA GLU C 61 18.35 -12.30 24.79
C GLU C 61 17.72 -12.77 23.47
N LYS C 62 18.27 -12.25 22.36
CA LYS C 62 17.89 -12.67 21.01
C LYS C 62 16.44 -12.30 20.66
N ARG C 63 15.93 -11.28 21.33
CA ARG C 63 14.58 -10.78 21.03
C ARG C 63 14.68 -9.71 19.96
N LEU C 64 13.96 -9.90 18.86
CA LEU C 64 13.96 -8.92 17.77
C LEU C 64 12.99 -7.78 18.05
N GLU C 65 13.51 -6.57 18.07
CA GLU C 65 12.69 -5.39 18.28
C GLU C 65 12.92 -4.38 17.16
N TRP C 66 11.86 -4.01 16.47
CA TRP C 66 11.93 -2.96 15.45
C TRP C 66 12.19 -1.63 16.16
N VAL C 67 13.23 -0.93 15.71
CA VAL C 67 13.60 0.34 16.31
C VAL C 67 12.93 1.52 15.60
N ALA C 68 13.27 1.71 14.33
CA ALA C 68 12.74 2.82 13.56
C ALA C 68 12.64 2.51 12.08
N GLU C 69 11.73 3.18 11.39
CA GLU C 69 11.63 3.05 9.94
C GLU C 69 11.72 4.41 9.24
N ILE C 70 12.50 4.46 8.17
CA ILE C 70 12.59 5.65 7.33
C ILE C 70 12.09 5.29 5.93
N SER C 71 11.34 6.19 5.33
CA SER C 71 10.77 5.93 4.01
C SER C 71 11.82 6.10 2.92
N SER C 72 11.38 5.98 1.67
CA SER C 72 12.28 6.05 0.53
C SER C 72 12.91 7.43 0.38
N GLY C 73 12.14 8.46 0.74
CA GLY C 73 12.60 9.83 0.61
C GLY C 73 12.96 10.46 1.94
N GLY C 74 12.80 9.70 3.02
CA GLY C 74 13.14 10.18 4.34
C GLY C 74 12.06 11.06 4.93
N ARG C 75 10.91 11.09 4.25
CA ARG C 75 9.82 11.97 4.64
C ARG C 75 8.81 11.29 5.57
N TYR C 76 8.97 9.98 5.80
CA TYR C 76 8.10 9.25 6.71
C TYR C 76 8.89 8.44 7.73
N ILE C 77 8.77 8.82 9.00
CA ILE C 77 9.57 8.24 10.08
C ILE C 77 8.71 7.65 11.19
N TYR C 78 9.00 6.42 11.57
CA TYR C 78 8.30 5.81 12.69
C TYR C 78 9.30 5.33 13.73
N TYR C 79 8.90 5.35 15.00
CA TYR C 79 9.75 4.87 16.08
C TYR C 79 9.01 3.95 17.03
N SER C 80 9.71 2.97 17.58
CA SER C 80 9.14 2.20 18.68
C SER C 80 9.15 3.09 19.90
N ASP C 81 8.16 2.92 20.78
CA ASP C 81 8.01 3.79 21.94
C ASP C 81 9.23 3.72 22.85
N THR C 82 10.04 2.69 22.66
CA THR C 82 11.23 2.48 23.49
C THR C 82 12.31 3.49 23.17
N VAL C 83 12.59 3.67 21.89
CA VAL C 83 13.66 4.55 21.42
C VAL C 83 13.19 5.93 21.01
N THR C 84 11.89 6.21 21.15
CA THR C 84 11.35 7.43 20.57
C THR C 84 11.86 8.68 21.29
N GLY C 85 12.39 9.60 20.50
CA GLY C 85 12.89 10.87 21.00
C GLY C 85 14.35 10.81 21.40
N ARG C 86 14.82 9.61 21.75
CA ARG C 86 16.24 9.37 21.97
C ARG C 86 16.99 9.07 20.67
N PHE C 87 16.36 8.27 19.80
CA PHE C 87 16.99 7.85 18.55
C PHE C 87 16.49 8.67 17.38
N THR C 88 17.39 8.99 16.46
CA THR C 88 17.03 9.70 15.24
C THR C 88 17.55 8.98 14.00
N ILE C 89 16.64 8.49 13.18
CA ILE C 89 17.02 7.77 11.96
C ILE C 89 17.00 8.72 10.77
N SER C 90 18.11 8.79 10.05
CA SER C 90 18.20 9.68 8.90
C SER C 90 18.67 8.91 7.67
N ARG C 91 18.74 9.59 6.54
CA ARG C 91 19.01 8.92 5.29
C ARG C 91 19.82 9.77 4.33
N ASP C 92 20.85 9.19 3.73
CA ASP C 92 21.55 9.85 2.65
C ASP C 92 21.35 9.06 1.37
N ASN C 93 20.52 9.57 0.47
CA ASN C 93 20.23 8.89 -0.77
C ASN C 93 21.30 9.13 -1.84
N ALA C 94 22.07 10.20 -1.64
CA ALA C 94 23.16 10.54 -2.54
C ALA C 94 24.28 9.51 -2.41
N ARG C 95 24.71 9.29 -1.17
CA ARG C 95 25.79 8.35 -0.90
C ARG C 95 25.31 6.96 -0.52
N ASN C 96 23.99 6.76 -0.57
CA ASN C 96 23.37 5.46 -0.27
C ASN C 96 23.71 4.94 1.12
N ILE C 97 23.52 5.79 2.13
CA ILE C 97 23.83 5.42 3.51
C ILE C 97 22.64 5.67 4.44
N LEU C 98 22.33 4.67 5.26
CA LEU C 98 21.28 4.80 6.27
C LEU C 98 21.89 5.05 7.66
N HIS C 99 21.35 6.03 8.38
CA HIS C 99 21.91 6.39 9.68
C HIS C 99 20.89 6.21 10.81
N LEU C 100 21.39 5.86 11.99
CA LEU C 100 20.60 5.92 13.21
C LEU C 100 21.41 6.66 14.27
N GLU C 101 20.92 7.81 14.71
CA GLU C 101 21.63 8.64 15.67
C GLU C 101 21.05 8.44 17.06
N MET C 102 21.87 7.90 17.96
CA MET C 102 21.42 7.58 19.32
C MET C 102 21.96 8.58 20.33
N SER C 103 21.16 8.85 21.36
CA SER C 103 21.56 9.77 22.41
C SER C 103 20.91 9.35 23.72
N SER C 104 21.52 9.76 24.84
CA SER C 104 21.08 9.34 26.17
C SER C 104 20.87 7.83 26.18
N LEU C 105 21.86 7.11 25.66
CA LEU C 105 21.81 5.66 25.58
C LEU C 105 21.69 5.01 26.94
N ARG C 106 20.90 3.95 27.00
CA ARG C 106 20.67 3.22 28.23
C ARG C 106 21.13 1.77 28.07
N SER C 107 21.37 1.09 29.19
CA SER C 107 21.90 -0.27 29.16
C SER C 107 20.98 -1.24 28.42
N GLU C 108 19.70 -0.93 28.37
CA GLU C 108 18.74 -1.79 27.68
C GLU C 108 18.81 -1.58 26.17
N ASP C 109 19.55 -0.56 25.74
CA ASP C 109 19.74 -0.32 24.32
C ASP C 109 20.84 -1.22 23.77
N THR C 110 21.48 -1.98 24.65
CA THR C 110 22.55 -2.88 24.22
C THR C 110 21.96 -4.00 23.39
N ALA C 111 22.39 -4.10 22.14
CA ALA C 111 21.87 -5.09 21.22
C ALA C 111 22.68 -5.10 19.94
N MET C 112 22.34 -6.01 19.02
CA MET C 112 22.91 -5.95 17.69
C MET C 112 21.93 -5.23 16.79
N TYR C 113 22.38 -4.15 16.16
CA TYR C 113 21.47 -3.37 15.34
C TYR C 113 21.58 -3.79 13.89
N TYR C 114 20.46 -4.22 13.34
CA TYR C 114 20.40 -4.66 11.96
C TYR C 114 19.88 -3.57 11.05
N CYS C 115 20.46 -3.52 9.86
CA CYS C 115 20.00 -2.66 8.80
C CYS C 115 19.12 -3.50 7.90
N ALA C 116 17.82 -3.25 7.92
CA ALA C 116 16.89 -4.08 7.18
C ALA C 116 16.12 -3.27 6.16
N ARG C 117 16.16 -3.74 4.93
CA ARG C 117 15.42 -3.09 3.86
C ARG C 117 14.09 -3.80 3.62
N GLY C 118 13.01 -3.04 3.62
CA GLY C 118 11.92 -3.37 2.74
C GLY C 118 11.02 -2.18 2.52
N GLU C 119 10.58 -2.07 1.27
CA GLU C 119 9.68 -0.99 0.88
C GLU C 119 8.25 -1.38 1.15
N VAL C 120 7.94 -2.62 0.81
CA VAL C 120 6.56 -3.08 0.87
C VAL C 120 6.24 -3.63 2.24
N ARG C 121 5.21 -3.06 2.88
CA ARG C 121 4.75 -3.56 4.15
C ARG C 121 4.26 -5.00 4.03
N GLN C 122 3.66 -5.29 2.88
CA GLN C 122 3.09 -6.60 2.63
C GLN C 122 4.16 -7.64 2.27
N ARG C 123 5.37 -7.19 1.94
CA ARG C 123 6.48 -8.12 1.71
C ARG C 123 7.48 -8.26 2.87
N GLY C 124 7.30 -7.48 3.93
CA GLY C 124 8.24 -7.49 5.04
C GLY C 124 9.66 -7.05 4.66
N PHE C 125 10.63 -7.43 5.49
CA PHE C 125 12.02 -7.01 5.26
C PHE C 125 12.76 -8.03 4.42
N ASP C 126 13.05 -7.69 3.18
CA ASP C 126 13.58 -8.69 2.25
C ASP C 126 15.11 -8.80 2.26
N TYR C 127 15.77 -7.84 2.89
CA TYR C 127 17.23 -7.88 2.99
C TYR C 127 17.75 -7.36 4.32
N TRP C 128 18.67 -8.10 4.94
CA TRP C 128 19.25 -7.72 6.21
C TRP C 128 20.76 -7.62 6.13
N GLY C 129 21.34 -6.75 6.97
CA GLY C 129 22.78 -6.60 6.99
C GLY C 129 23.46 -7.59 7.91
N GLN C 130 24.77 -7.51 8.01
CA GLN C 130 25.53 -8.37 8.91
C GLN C 130 25.30 -7.95 10.36
N GLY C 131 24.87 -6.70 10.54
CA GLY C 131 24.59 -6.17 11.86
C GLY C 131 25.83 -5.60 12.51
N THR C 132 25.64 -4.60 13.34
CA THR C 132 26.73 -4.06 14.15
C THR C 132 26.31 -4.07 15.62
N THR C 133 27.28 -4.24 16.52
CA THR C 133 26.96 -4.44 17.92
C THR C 133 27.14 -3.20 18.78
N LEU C 134 26.07 -2.83 19.47
CA LEU C 134 26.13 -1.76 20.45
C LEU C 134 26.14 -2.34 21.86
N THR C 135 27.16 -2.00 22.64
CA THR C 135 27.18 -2.33 24.05
C THR C 135 27.17 -1.06 24.87
N VAL C 136 26.11 -0.86 25.64
CA VAL C 136 26.02 0.27 26.54
C VAL C 136 26.28 -0.20 27.97
N SER C 137 27.43 0.17 28.52
CA SER C 137 27.74 -0.20 29.90
C SER C 137 28.69 0.80 30.53
N SER C 138 28.64 0.91 31.86
CA SER C 138 29.57 1.77 32.58
C SER C 138 30.89 1.00 32.81
N ALA C 139 30.86 -0.30 32.55
CA ALA C 139 32.00 -1.17 32.75
C ALA C 139 33.19 -0.79 31.88
N LYS C 140 34.35 -0.62 32.51
CA LYS C 140 35.57 -0.25 31.80
C LYS C 140 36.09 -1.39 30.92
N THR C 141 36.69 -1.02 29.79
CA THR C 141 37.30 -1.99 28.89
C THR C 141 38.52 -2.63 29.54
N THR C 142 38.55 -3.95 29.61
CA THR C 142 39.69 -4.65 30.19
C THR C 142 40.13 -5.81 29.30
N ALA C 143 41.44 -6.03 29.25
CA ALA C 143 42.01 -7.06 28.39
C ALA C 143 41.80 -8.45 28.97
N PRO C 144 41.64 -9.45 28.10
CA PRO C 144 41.47 -10.84 28.56
C PRO C 144 42.77 -11.47 29.04
N SER C 145 42.67 -12.30 30.08
CA SER C 145 43.77 -13.14 30.48
C SER C 145 43.60 -14.50 29.83
N VAL C 146 44.50 -14.85 28.91
CA VAL C 146 44.38 -16.10 28.18
C VAL C 146 45.25 -17.18 28.81
N TYR C 147 44.62 -18.28 29.23
CA TYR C 147 45.36 -19.37 29.86
C TYR C 147 45.26 -20.63 29.03
N PRO C 148 46.36 -21.40 28.95
CA PRO C 148 46.34 -22.73 28.33
C PRO C 148 45.68 -23.75 29.24
N LEU C 149 44.90 -24.66 28.69
CA LEU C 149 44.36 -25.73 29.52
C LEU C 149 45.04 -27.04 29.15
N ALA C 150 45.91 -27.49 30.04
CA ALA C 150 46.69 -28.71 29.84
C ALA C 150 46.10 -29.86 30.66
N PRO C 151 45.90 -31.02 30.01
CA PRO C 151 45.32 -32.21 30.63
C PRO C 151 46.12 -32.67 31.86
N VAL C 152 45.48 -33.44 32.72
CA VAL C 152 46.11 -33.85 33.98
C VAL C 152 47.25 -34.86 33.76
N CYS C 153 48.14 -34.93 34.74
CA CYS C 153 49.34 -35.78 34.66
C CYS C 153 49.01 -37.27 34.64
N GLY C 154 49.63 -38.01 33.74
CA GLY C 154 49.47 -39.45 33.68
C GLY C 154 48.03 -39.85 33.46
N ASP C 155 47.45 -39.37 32.36
CA ASP C 155 46.01 -39.48 32.13
C ASP C 155 45.53 -40.85 31.61
N THR C 156 46.46 -41.78 31.38
CA THR C 156 46.20 -43.20 31.10
C THR C 156 45.60 -43.49 29.72
N THR C 157 45.31 -42.44 28.96
CA THR C 157 44.50 -42.50 27.75
C THR C 157 45.07 -41.36 26.91
N GLY C 158 45.08 -41.42 25.57
CA GLY C 158 44.52 -42.46 24.76
C GLY C 158 44.32 -42.07 23.32
N SER C 159 43.32 -42.73 22.74
CA SER C 159 42.87 -42.54 21.37
C SER C 159 42.78 -41.06 20.95
N SER C 160 42.10 -40.25 21.76
CA SER C 160 42.10 -38.82 21.49
C SER C 160 42.26 -38.00 22.78
N VAL C 161 42.98 -36.89 22.64
CA VAL C 161 43.25 -36.01 23.77
C VAL C 161 42.57 -34.64 23.56
N THR C 162 41.97 -34.12 24.63
CA THR C 162 41.27 -32.85 24.56
C THR C 162 42.08 -31.73 25.19
N LEU C 163 42.16 -30.62 24.47
CA LEU C 163 42.87 -29.43 24.94
C LEU C 163 41.90 -28.28 25.07
N GLY C 164 42.27 -27.28 25.84
CA GLY C 164 41.37 -26.16 26.05
C GLY C 164 42.09 -24.84 26.19
N CYS C 165 41.33 -23.76 26.02
CA CYS C 165 41.86 -22.41 26.12
C CYS C 165 40.88 -21.56 26.91
N LEU C 166 41.34 -21.00 28.03
CA LEU C 166 40.49 -20.17 28.86
C LEU C 166 40.77 -18.69 28.66
N VAL C 167 39.83 -17.98 28.03
CA VAL C 167 39.89 -16.54 27.93
C VAL C 167 39.01 -15.97 29.04
N LYS C 168 39.63 -15.35 30.05
CA LYS C 168 38.90 -14.95 31.26
C LYS C 168 39.03 -13.47 31.58
N GLY C 169 37.96 -12.88 32.09
CA GLY C 169 37.97 -11.52 32.59
C GLY C 169 38.19 -10.42 31.56
N TYR C 170 37.36 -10.41 30.53
CA TYR C 170 37.47 -9.38 29.50
C TYR C 170 36.15 -8.65 29.26
N PHE C 171 36.24 -7.52 28.57
CA PHE C 171 35.10 -6.67 28.28
C PHE C 171 35.54 -5.52 27.38
N PRO C 172 34.71 -5.20 26.37
CA PRO C 172 33.50 -5.92 26.00
C PRO C 172 33.79 -7.03 25.00
N GLU C 173 32.74 -7.71 24.51
CA GLU C 173 32.92 -8.69 23.45
C GLU C 173 33.15 -7.92 22.13
N PRO C 174 33.61 -8.61 21.07
CA PRO C 174 33.95 -10.03 20.94
C PRO C 174 35.42 -10.34 21.21
N VAL C 175 35.73 -11.63 21.17
CA VAL C 175 37.11 -12.08 21.07
C VAL C 175 37.20 -13.02 19.88
N THR C 176 38.35 -13.02 19.23
CA THR C 176 38.57 -13.95 18.14
C THR C 176 39.46 -15.07 18.65
N LEU C 177 38.89 -16.26 18.80
CA LEU C 177 39.68 -17.41 19.21
C LEU C 177 39.73 -18.44 18.08
N THR C 178 40.93 -18.62 17.54
CA THR C 178 41.20 -19.66 16.56
C THR C 178 42.23 -20.62 17.12
N TRP C 179 42.56 -21.65 16.34
CA TRP C 179 43.58 -22.60 16.74
C TRP C 179 44.62 -22.76 15.64
N ASN C 180 45.89 -22.58 16.00
CA ASN C 180 46.97 -22.55 15.03
C ASN C 180 46.65 -21.59 13.89
N SER C 181 46.26 -20.37 14.27
CA SER C 181 45.85 -19.34 13.33
C SER C 181 44.69 -19.80 12.44
N GLY C 182 43.86 -20.68 12.98
CA GLY C 182 42.66 -21.13 12.29
C GLY C 182 42.87 -22.33 11.39
N SER C 183 44.03 -22.97 11.52
CA SER C 183 44.37 -24.10 10.66
C SER C 183 43.50 -25.33 10.93
N LEU C 184 43.26 -25.61 12.21
CA LEU C 184 42.39 -26.72 12.56
C LEU C 184 41.09 -26.24 13.17
N SER C 185 40.01 -26.35 12.40
CA SER C 185 38.68 -25.97 12.87
C SER C 185 37.86 -27.17 13.31
N SER C 186 38.40 -28.37 13.13
CA SER C 186 37.63 -29.58 13.40
C SER C 186 37.82 -30.06 14.83
N GLY C 187 36.74 -30.55 15.43
CA GLY C 187 36.77 -31.00 16.81
C GLY C 187 36.93 -29.83 17.77
N VAL C 188 36.60 -28.63 17.29
CA VAL C 188 36.75 -27.42 18.09
C VAL C 188 35.40 -26.90 18.58
N HIS C 189 35.24 -26.84 19.89
CA HIS C 189 34.09 -26.19 20.50
C HIS C 189 34.51 -24.91 21.20
N THR C 190 34.16 -23.75 20.62
CA THR C 190 34.45 -22.49 21.29
C THR C 190 33.18 -21.96 21.93
N PHE C 191 33.14 -22.01 23.25
CA PHE C 191 31.93 -21.67 23.99
C PHE C 191 31.71 -20.17 24.05
N PRO C 192 30.45 -19.75 23.87
CA PRO C 192 30.12 -18.33 23.95
C PRO C 192 30.49 -17.74 25.31
N ALA C 193 30.79 -16.45 25.32
CA ALA C 193 31.17 -15.77 26.54
C ALA C 193 29.99 -15.70 27.50
N VAL C 194 30.29 -15.58 28.78
CA VAL C 194 29.26 -15.37 29.78
C VAL C 194 29.65 -14.21 30.68
N LEU C 195 28.75 -13.24 30.79
CA LEU C 195 29.01 -12.04 31.57
C LEU C 195 28.77 -12.30 33.05
N GLN C 196 29.81 -12.11 33.86
CA GLN C 196 29.69 -12.21 35.29
C GLN C 196 30.35 -11.01 35.97
N SER C 197 29.54 -10.18 36.62
CA SER C 197 29.98 -8.94 37.24
C SER C 197 30.88 -8.12 36.30
N ASP C 198 30.29 -7.66 35.20
CA ASP C 198 30.97 -6.80 34.23
C ASP C 198 32.23 -7.40 33.60
N LEU C 199 32.33 -8.73 33.59
CA LEU C 199 33.47 -9.41 32.94
C LEU C 199 33.07 -10.66 32.18
N TYR C 200 33.44 -10.74 30.91
CA TYR C 200 33.16 -11.91 30.09
C TYR C 200 34.24 -12.99 30.23
N THR C 201 33.82 -14.25 30.24
CA THR C 201 34.76 -15.36 30.29
C THR C 201 34.39 -16.38 29.21
N LEU C 202 35.32 -16.57 28.29
CA LEU C 202 35.11 -17.48 27.17
C LEU C 202 36.06 -18.66 27.31
N SER C 203 35.69 -19.80 26.76
CA SER C 203 36.57 -20.94 26.75
C SER C 203 36.38 -21.71 25.46
N SER C 204 37.42 -22.41 25.03
CA SER C 204 37.35 -23.20 23.82
C SER C 204 38.06 -24.52 23.99
N SER C 205 37.41 -25.61 23.60
CA SER C 205 38.03 -26.93 23.65
C SER C 205 38.29 -27.43 22.24
N VAL C 206 39.40 -28.13 22.06
CA VAL C 206 39.71 -28.77 20.80
C VAL C 206 40.24 -30.17 21.06
N THR C 207 39.62 -31.16 20.42
CA THR C 207 40.02 -32.56 20.60
C THR C 207 40.83 -33.03 19.40
N VAL C 208 41.97 -33.67 19.70
CA VAL C 208 42.84 -34.22 18.66
C VAL C 208 43.37 -35.57 19.10
N THR C 209 43.83 -36.37 18.14
CA THR C 209 44.43 -37.68 18.42
C THR C 209 45.74 -37.50 19.20
N SER C 210 46.01 -38.39 20.14
CA SER C 210 47.20 -38.26 20.98
C SER C 210 48.52 -38.40 20.22
N SER C 211 48.42 -38.79 18.95
CA SER C 211 49.60 -38.81 18.09
C SER C 211 49.92 -37.40 17.63
N THR C 212 48.88 -36.57 17.55
CA THR C 212 49.03 -35.19 17.10
C THR C 212 49.66 -34.32 18.17
N TRP C 213 49.40 -34.67 19.43
CA TRP C 213 49.84 -33.84 20.55
C TRP C 213 50.47 -34.69 21.66
N PRO C 214 51.53 -34.17 22.31
CA PRO C 214 52.22 -32.94 21.94
C PRO C 214 53.40 -33.15 21.00
N SER C 215 53.21 -33.86 19.88
CA SER C 215 54.27 -34.01 18.91
C SER C 215 54.17 -32.92 17.85
N GLN C 216 53.06 -32.19 17.88
CA GLN C 216 52.85 -31.04 17.01
C GLN C 216 52.37 -29.86 17.83
N SER C 217 52.73 -28.66 17.42
CA SER C 217 52.40 -27.46 18.18
C SER C 217 50.92 -27.11 18.07
N ILE C 218 50.26 -27.02 19.22
CA ILE C 218 48.89 -26.52 19.27
C ILE C 218 48.86 -25.19 20.01
N THR C 219 48.60 -24.13 19.26
CA THR C 219 48.59 -22.80 19.84
C THR C 219 47.21 -22.16 19.75
N CYS C 220 46.81 -21.54 20.84
CA CYS C 220 45.53 -20.86 20.94
C CYS C 220 45.69 -19.40 20.57
N ASN C 221 45.09 -18.99 19.46
CA ASN C 221 45.20 -17.61 18.99
C ASN C 221 44.03 -16.77 19.44
N VAL C 222 44.27 -15.82 20.33
CA VAL C 222 43.21 -14.99 20.87
C VAL C 222 43.37 -13.53 20.51
N ALA C 223 42.34 -12.96 19.90
CA ALA C 223 42.36 -11.56 19.52
C ALA C 223 41.21 -10.82 20.20
N HIS C 224 41.57 -9.81 20.98
CA HIS C 224 40.59 -8.93 21.60
C HIS C 224 40.89 -7.49 21.22
N PRO C 225 40.43 -7.07 20.02
CA PRO C 225 40.76 -5.77 19.43
C PRO C 225 40.46 -4.56 20.32
N ALA C 226 39.47 -4.70 21.21
CA ALA C 226 39.06 -3.59 22.07
C ALA C 226 40.18 -3.12 22.98
N SER C 227 40.89 -4.06 23.59
CA SER C 227 42.00 -3.76 24.49
C SER C 227 43.35 -3.81 23.78
N SER C 228 43.33 -3.97 22.45
CA SER C 228 44.54 -4.11 21.65
C SER C 228 45.34 -5.33 22.05
N THR C 229 44.64 -6.46 22.18
CA THR C 229 45.28 -7.70 22.60
C THR C 229 45.26 -8.78 21.51
N LYS C 230 46.43 -9.07 20.95
CA LYS C 230 46.57 -10.23 20.09
C LYS C 230 47.58 -11.15 20.73
N VAL C 231 47.09 -12.29 21.21
CA VAL C 231 47.93 -13.19 21.98
C VAL C 231 47.83 -14.63 21.50
N ASP C 232 48.98 -15.21 21.20
CA ASP C 232 49.07 -16.62 20.85
C ASP C 232 49.61 -17.38 22.05
N LYS C 233 48.88 -18.39 22.52
CA LYS C 233 49.33 -19.19 23.65
C LYS C 233 49.42 -20.68 23.28
N LYS C 234 50.65 -21.20 23.24
CA LYS C 234 50.86 -22.61 22.94
C LYS C 234 50.64 -23.43 24.19
N ILE C 235 50.12 -24.63 24.03
CA ILE C 235 49.79 -25.48 25.17
C ILE C 235 50.84 -26.58 25.38
N GLU C 236 51.44 -26.60 26.56
CA GLU C 236 52.46 -27.59 26.91
C GLU C 236 52.02 -28.42 28.11
N PRO C 237 52.41 -29.71 28.13
CA PRO C 237 52.02 -30.62 29.22
C PRO C 237 52.94 -30.55 30.43
N ARG C 238 53.16 -29.36 30.96
CA ARG C 238 54.07 -29.18 32.09
C ARG C 238 53.36 -29.47 33.43
#